data_3SI9
#
_entry.id   3SI9
#
_cell.length_a   79.963
_cell.length_b   106.334
_cell.length_c   136.253
_cell.angle_alpha   90.00
_cell.angle_beta   90.00
_cell.angle_gamma   90.00
#
_symmetry.space_group_name_H-M   'P 21 21 21'
#
loop_
_entity.id
_entity.type
_entity.pdbx_description
1 polymer 'Dihydrodipicolinate synthase'
2 non-polymer 1,2-ETHANEDIOL
3 water water
#
_entity_poly.entity_id   1
_entity_poly.type   'polypeptide(L)'
_entity_poly.pdbx_seq_one_letter_code
;MAHHHHHHMGTLEAQTQGPGSMLKGAVTALITPFDDNGAIDEKAFCNFVEWQITQGINGVSPVGTTGESPTLTHEEHKRI
IELCVEQVAKRVPVVAGAGSNSTSEAVELAKHAEKAGADAVLVVTPYYNRPNQRGLYTHFSSIAKAISIPIIIYNIPSRS
VIDMAVETMRDLCRDFKNIIGVKDATGKIERASEQREKCGKDFVQLSGDDCTALGFNAHGGVGCISVSSNVAPKLCAQLH
AACLCSDYKTALKLNDLLMPLNRAVFIEPSPAGIKYAAAKLGLCGTIVRSPIVPLSDTTKKIIDEALYHAGLLKE
;
_entity_poly.pdbx_strand_id   A,B,C,D
#
# COMPACT_ATOMS: atom_id res chain seq x y z
N SER A 21 -28.20 22.41 -2.22
CA SER A 21 -29.09 21.97 -1.10
C SER A 21 -30.03 20.86 -1.57
N MET A 22 -30.47 20.91 -2.83
CA MET A 22 -31.28 19.81 -3.40
C MET A 22 -30.44 18.58 -3.73
N LEU A 23 -29.20 18.49 -3.23
CA LEU A 23 -28.32 17.37 -3.59
C LEU A 23 -28.23 16.42 -2.44
N LYS A 24 -29.13 15.43 -2.45
CA LYS A 24 -29.30 14.52 -1.31
C LYS A 24 -29.80 13.18 -1.84
N GLY A 25 -29.69 12.14 -1.03
CA GLY A 25 -30.33 10.87 -1.34
C GLY A 25 -29.52 10.02 -2.28
N ALA A 26 -30.19 9.22 -3.10
CA ALA A 26 -29.52 8.35 -4.08
C ALA A 26 -29.40 9.03 -5.44
N VAL A 27 -28.16 9.23 -5.90
CA VAL A 27 -27.90 9.86 -7.19
C VAL A 27 -27.16 8.85 -8.07
N THR A 28 -27.72 8.50 -9.23
CA THR A 28 -27.11 7.45 -10.02
C THR A 28 -25.93 7.91 -10.87
N ALA A 29 -24.76 7.32 -10.65
CA ALA A 29 -23.64 7.46 -11.60
C ALA A 29 -23.98 6.67 -12.84
N LEU A 30 -24.63 7.34 -13.80
CA LEU A 30 -25.22 6.69 -14.98
C LEU A 30 -24.18 5.96 -15.87
N ILE A 31 -24.44 4.68 -16.14
CA ILE A 31 -23.75 3.97 -17.20
C ILE A 31 -24.09 4.64 -18.55
N THR A 32 -23.26 4.40 -19.55
CA THR A 32 -23.53 4.86 -20.90
C THR A 32 -23.71 3.65 -21.81
N PRO A 33 -24.96 3.34 -22.19
CA PRO A 33 -25.18 2.20 -23.09
C PRO A 33 -24.57 2.37 -24.45
N PHE A 34 -23.89 1.32 -24.92
CA PHE A 34 -23.37 1.25 -26.26
C PHE A 34 -24.07 0.14 -27.03
N ASP A 35 -24.22 0.33 -28.34
CA ASP A 35 -24.75 -0.73 -29.19
C ASP A 35 -23.64 -1.75 -29.49
N ASP A 36 -23.91 -2.66 -30.42
CA ASP A 36 -22.97 -3.75 -30.75
C ASP A 36 -21.64 -3.30 -31.34
N ASN A 37 -21.62 -2.12 -31.96
CA ASN A 37 -20.38 -1.54 -32.46
C ASN A 37 -19.69 -0.60 -31.48
N GLY A 38 -20.25 -0.47 -30.29
CA GLY A 38 -19.67 0.43 -29.28
C GLY A 38 -20.05 1.90 -29.45
N ALA A 39 -20.92 2.21 -30.41
CA ALA A 39 -21.48 3.55 -30.55
C ALA A 39 -22.49 3.80 -29.42
N ILE A 40 -22.72 5.08 -29.13
CA ILE A 40 -23.73 5.44 -28.16
C ILE A 40 -25.10 4.90 -28.59
N ASP A 41 -25.75 4.15 -27.70
CA ASP A 41 -27.12 3.74 -27.90
C ASP A 41 -28.02 4.79 -27.23
N GLU A 42 -28.53 5.72 -28.03
CA GLU A 42 -29.20 6.89 -27.48
C GLU A 42 -30.59 6.63 -26.94
N LYS A 43 -31.38 5.81 -27.64
CA LYS A 43 -32.71 5.43 -27.16
C LYS A 43 -32.57 4.61 -25.86
N ALA A 44 -31.62 3.68 -25.82
CA ALA A 44 -31.37 2.90 -24.56
C ALA A 44 -31.09 3.86 -23.42
N PHE A 45 -30.23 4.84 -23.68
CA PHE A 45 -29.84 5.81 -22.68
C PHE A 45 -31.02 6.64 -22.19
N CYS A 46 -31.76 7.25 -23.10
CA CYS A 46 -32.92 8.05 -22.71
C CYS A 46 -33.99 7.24 -21.95
N ASN A 47 -34.24 6.01 -22.37
CA ASN A 47 -35.22 5.15 -21.74
C ASN A 47 -34.76 4.77 -20.33
N PHE A 48 -33.46 4.54 -20.20
CA PHE A 48 -32.85 4.24 -18.91
C PHE A 48 -32.96 5.41 -17.92
N VAL A 49 -32.64 6.63 -18.35
CA VAL A 49 -32.84 7.81 -17.51
C VAL A 49 -34.30 7.91 -17.08
N GLU A 50 -35.23 7.84 -18.04
CA GLU A 50 -36.66 7.86 -17.71
C GLU A 50 -36.99 6.84 -16.61
N TRP A 51 -36.39 5.66 -16.70
CA TRP A 51 -36.70 4.58 -15.79
C TRP A 51 -36.16 4.88 -14.39
N GLN A 52 -34.91 5.33 -14.33
CA GLN A 52 -34.30 5.82 -13.11
C GLN A 52 -35.23 6.78 -12.35
N ILE A 53 -35.76 7.76 -13.06
CA ILE A 53 -36.58 8.79 -12.45
C ILE A 53 -37.88 8.24 -11.91
N THR A 54 -38.59 7.47 -12.73
CA THR A 54 -39.90 6.96 -12.32
C THR A 54 -39.75 5.95 -11.20
N GLN A 55 -38.57 5.33 -11.08
CA GLN A 55 -38.28 4.39 -9.99
C GLN A 55 -37.94 5.09 -8.68
N GLY A 56 -37.75 6.40 -8.73
CA GLY A 56 -37.63 7.25 -7.54
C GLY A 56 -36.23 7.70 -7.21
N ILE A 57 -35.31 7.66 -8.19
CA ILE A 57 -33.95 8.15 -7.99
C ILE A 57 -34.00 9.64 -7.63
N ASN A 58 -32.99 10.14 -6.90
CA ASN A 58 -33.01 11.53 -6.40
C ASN A 58 -32.17 12.48 -7.25
N GLY A 59 -31.41 11.94 -8.19
CA GLY A 59 -30.58 12.76 -9.07
C GLY A 59 -29.80 11.84 -10.00
N VAL A 60 -29.31 12.38 -11.10
CA VAL A 60 -28.50 11.58 -12.01
C VAL A 60 -27.15 12.25 -12.26
N SER A 61 -26.13 11.44 -12.58
CA SER A 61 -24.81 11.92 -12.86
C SER A 61 -24.29 11.27 -14.13
N PRO A 62 -24.47 11.95 -15.28
CA PRO A 62 -23.99 11.41 -16.54
C PRO A 62 -22.54 11.74 -16.89
N VAL A 63 -21.96 10.87 -17.70
CA VAL A 63 -20.60 11.02 -18.25
C VAL A 63 -19.58 11.16 -17.16
N GLY A 64 -19.74 10.32 -16.14
CA GLY A 64 -18.70 10.14 -15.12
C GLY A 64 -17.91 8.86 -15.40
N THR A 65 -17.27 8.33 -14.36
CA THR A 65 -16.43 7.16 -14.55
C THR A 65 -17.26 5.96 -14.94
N THR A 66 -18.43 5.81 -14.34
CA THR A 66 -19.26 4.66 -14.57
C THR A 66 -19.89 4.74 -15.96
N GLY A 67 -20.04 5.96 -16.45
CA GLY A 67 -20.49 6.22 -17.81
C GLY A 67 -19.36 6.16 -18.83
N GLU A 68 -18.22 5.64 -18.42
CA GLU A 68 -17.06 5.46 -19.30
C GLU A 68 -16.50 6.77 -19.91
N SER A 69 -16.49 7.81 -19.11
CA SER A 69 -15.90 9.09 -19.54
C SER A 69 -14.46 8.98 -20.10
N PRO A 70 -13.62 8.07 -19.57
CA PRO A 70 -12.30 8.06 -20.22
C PRO A 70 -12.31 7.67 -21.68
N THR A 71 -13.33 6.93 -22.11
CA THR A 71 -13.34 6.46 -23.49
C THR A 71 -14.36 7.19 -24.32
N LEU A 72 -14.95 8.27 -23.79
CA LEU A 72 -15.87 9.10 -24.59
C LEU A 72 -15.10 10.27 -25.23
N THR A 73 -15.49 10.67 -26.43
CA THR A 73 -14.98 11.89 -26.99
C THR A 73 -15.70 13.11 -26.39
N HIS A 74 -15.08 14.28 -26.46
CA HIS A 74 -15.76 15.54 -26.09
C HIS A 74 -17.16 15.68 -26.75
N GLU A 75 -17.30 15.24 -27.98
CA GLU A 75 -18.58 15.39 -28.67
C GLU A 75 -19.64 14.46 -28.09
N GLU A 76 -19.20 13.29 -27.66
CA GLU A 76 -20.09 12.30 -27.03
C GLU A 76 -20.49 12.78 -25.66
N HIS A 77 -19.51 13.37 -24.97
CA HIS A 77 -19.65 13.91 -23.63
C HIS A 77 -20.74 14.95 -23.65
N LYS A 78 -20.64 15.86 -24.61
CA LYS A 78 -21.62 16.91 -24.81
C LYS A 78 -23.00 16.37 -25.13
N ARG A 79 -23.07 15.41 -26.06
CA ARG A 79 -24.34 14.78 -26.46
C ARG A 79 -25.01 14.05 -25.30
N ILE A 80 -24.28 13.25 -24.55
CA ILE A 80 -24.90 12.48 -23.45
C ILE A 80 -25.50 13.41 -22.38
N ILE A 81 -24.81 14.52 -22.08
CA ILE A 81 -25.33 15.50 -21.15
C ILE A 81 -26.60 16.17 -21.72
N GLU A 82 -26.55 16.57 -22.99
CA GLU A 82 -27.73 17.23 -23.60
C GLU A 82 -28.93 16.32 -23.52
N LEU A 83 -28.76 15.07 -23.90
CA LEU A 83 -29.84 14.10 -23.85
C LEU A 83 -30.35 13.95 -22.42
N CYS A 84 -29.43 13.75 -21.47
CA CYS A 84 -29.75 13.53 -20.07
C CYS A 84 -30.53 14.69 -19.46
N VAL A 85 -30.06 15.90 -19.75
CA VAL A 85 -30.74 17.10 -19.32
C VAL A 85 -32.14 17.17 -19.91
N GLU A 86 -32.27 17.02 -21.22
CA GLU A 86 -33.60 17.05 -21.87
C GLU A 86 -34.52 15.97 -21.26
N GLN A 87 -34.00 14.76 -21.09
CA GLN A 87 -34.82 13.65 -20.60
C GLN A 87 -35.27 13.89 -19.15
N VAL A 88 -34.35 14.32 -18.28
CA VAL A 88 -34.69 14.59 -16.89
C VAL A 88 -35.77 15.69 -16.73
N ALA A 89 -35.76 16.68 -17.62
CA ALA A 89 -36.72 17.81 -17.61
C ALA A 89 -36.87 18.40 -16.23
N LYS A 90 -35.72 18.68 -15.61
CA LYS A 90 -35.64 19.32 -14.29
C LYS A 90 -36.32 18.59 -13.12
N ARG A 91 -36.71 17.33 -13.32
CA ARG A 91 -37.37 16.58 -12.25
C ARG A 91 -36.41 16.28 -11.11
N VAL A 92 -35.14 16.08 -11.45
CA VAL A 92 -34.09 15.79 -10.49
C VAL A 92 -32.79 16.44 -10.97
N PRO A 93 -31.87 16.72 -10.05
CA PRO A 93 -30.62 17.37 -10.41
C PRO A 93 -29.80 16.52 -11.35
N VAL A 94 -29.08 17.20 -12.24
CA VAL A 94 -28.17 16.54 -13.15
C VAL A 94 -26.76 17.03 -12.80
N VAL A 95 -25.93 16.12 -12.31
CA VAL A 95 -24.58 16.44 -11.91
C VAL A 95 -23.66 15.83 -12.96
N ALA A 96 -23.25 16.62 -13.96
CA ALA A 96 -22.52 16.06 -15.13
C ALA A 96 -21.05 15.88 -14.83
N GLY A 97 -20.47 14.76 -15.29
CA GLY A 97 -19.02 14.58 -15.15
C GLY A 97 -18.22 15.55 -15.97
N ALA A 98 -17.14 16.06 -15.40
CA ALA A 98 -16.27 16.96 -16.15
C ALA A 98 -14.85 16.79 -15.67
N GLY A 99 -14.45 15.54 -15.53
CA GLY A 99 -13.15 15.22 -14.98
C GLY A 99 -12.04 15.15 -16.02
N SER A 100 -10.87 15.62 -15.62
CA SER A 100 -9.66 15.41 -16.39
C SER A 100 -8.44 15.61 -15.54
N ASN A 101 -7.33 15.02 -15.96
CA ASN A 101 -6.05 15.30 -15.35
C ASN A 101 -5.34 16.52 -15.95
N SER A 102 -5.98 17.14 -16.96
CA SER A 102 -5.54 18.43 -17.50
C SER A 102 -6.53 19.56 -17.11
N THR A 103 -6.02 20.57 -16.42
CA THR A 103 -6.89 21.67 -15.92
C THR A 103 -7.58 22.37 -17.08
N SER A 104 -6.84 22.74 -18.12
CA SER A 104 -7.46 23.40 -19.25
C SER A 104 -8.53 22.48 -19.88
N GLU A 105 -8.34 21.16 -19.84
CA GLU A 105 -9.36 20.27 -20.39
C GLU A 105 -10.60 20.21 -19.50
N ALA A 106 -10.41 20.06 -18.19
CA ALA A 106 -11.52 20.01 -17.25
C ALA A 106 -12.32 21.31 -17.36
N VAL A 107 -11.61 22.41 -17.52
CA VAL A 107 -12.27 23.70 -17.63
C VAL A 107 -13.26 23.69 -18.83
N GLU A 108 -12.79 23.20 -19.96
N GLU A 108 -12.79 23.20 -19.97
CA GLU A 108 -13.60 23.22 -21.17
CA GLU A 108 -13.62 23.22 -21.17
C GLU A 108 -14.76 22.21 -21.03
C GLU A 108 -14.76 22.20 -21.04
N LEU A 109 -14.49 21.05 -20.43
CA LEU A 109 -15.56 20.07 -20.17
C LEU A 109 -16.65 20.65 -19.25
N ALA A 110 -16.24 21.37 -18.20
CA ALA A 110 -17.19 21.95 -17.25
C ALA A 110 -18.07 23.01 -17.93
N LYS A 111 -17.49 23.77 -18.85
CA LYS A 111 -18.23 24.78 -19.59
C LYS A 111 -19.29 24.19 -20.52
N HIS A 112 -18.92 23.14 -21.25
CA HIS A 112 -19.89 22.47 -22.13
C HIS A 112 -21.02 21.88 -21.29
N ALA A 113 -20.68 21.35 -20.11
CA ALA A 113 -21.66 20.76 -19.20
C ALA A 113 -22.69 21.82 -18.73
N GLU A 114 -22.17 22.96 -18.31
CA GLU A 114 -22.99 24.08 -17.93
C GLU A 114 -23.85 24.59 -19.12
N LYS A 115 -23.19 24.84 -20.25
CA LYS A 115 -23.87 25.30 -21.47
C LYS A 115 -24.92 24.27 -21.97
N ALA A 116 -24.77 23.00 -21.58
CA ALA A 116 -25.76 21.96 -21.88
C ALA A 116 -26.90 21.79 -20.85
N GLY A 117 -26.84 22.49 -19.72
CA GLY A 117 -27.94 22.56 -18.77
C GLY A 117 -27.75 21.73 -17.50
N ALA A 118 -26.54 21.24 -17.28
CA ALA A 118 -26.23 20.56 -16.04
C ALA A 118 -26.49 21.54 -14.89
N ASP A 119 -26.99 20.98 -13.80
CA ASP A 119 -27.21 21.72 -12.56
C ASP A 119 -25.91 21.80 -11.73
N ALA A 120 -25.01 20.85 -11.94
CA ALA A 120 -23.71 20.87 -11.26
C ALA A 120 -22.74 20.02 -12.05
N VAL A 121 -21.45 20.17 -11.75
CA VAL A 121 -20.46 19.26 -12.32
C VAL A 121 -19.76 18.44 -11.22
N LEU A 122 -19.28 17.27 -11.63
CA LEU A 122 -18.55 16.34 -10.81
C LEU A 122 -17.15 16.30 -11.41
N VAL A 123 -16.16 16.70 -10.59
CA VAL A 123 -14.79 16.90 -11.08
C VAL A 123 -13.87 16.10 -10.19
N VAL A 124 -13.22 15.11 -10.80
CA VAL A 124 -12.30 14.20 -10.12
C VAL A 124 -10.95 14.84 -9.88
N THR A 125 -10.30 14.43 -8.77
CA THR A 125 -8.89 14.77 -8.51
C THR A 125 -8.05 14.26 -9.65
N PRO A 126 -7.20 15.13 -10.24
CA PRO A 126 -6.36 14.68 -11.34
C PRO A 126 -5.61 13.37 -11.05
N TYR A 127 -5.66 12.50 -12.04
CA TYR A 127 -5.09 11.16 -12.01
C TYR A 127 -3.80 11.12 -12.84
N TYR A 128 -2.97 10.12 -12.56
CA TYR A 128 -1.71 9.84 -13.28
C TYR A 128 -0.61 10.86 -13.01
N ASN A 129 -0.85 12.16 -13.26
CA ASN A 129 0.22 13.13 -12.97
C ASN A 129 0.46 13.45 -11.49
N ARG A 130 -0.36 12.96 -10.57
CA ARG A 130 -0.04 13.03 -9.12
C ARG A 130 0.30 14.45 -8.57
N PRO A 131 -0.58 15.43 -8.84
CA PRO A 131 -0.28 16.78 -8.35
C PRO A 131 -0.24 16.86 -6.83
N ASN A 132 0.39 17.89 -6.30
CA ASN A 132 0.38 18.14 -4.86
C ASN A 132 -0.85 19.00 -4.47
N GLN A 133 -0.99 19.29 -3.18
CA GLN A 133 -2.18 20.02 -2.69
C GLN A 133 -2.37 21.40 -3.33
N ARG A 134 -1.26 22.10 -3.61
N ARG A 134 -1.26 22.10 -3.58
CA ARG A 134 -1.30 23.38 -4.32
CA ARG A 134 -1.26 23.37 -4.34
C ARG A 134 -1.73 23.23 -5.79
C ARG A 134 -1.79 23.19 -5.77
N GLY A 135 -1.35 22.12 -6.43
CA GLY A 135 -1.79 21.84 -7.81
C GLY A 135 -3.29 21.54 -7.89
N LEU A 136 -3.78 20.84 -6.87
CA LEU A 136 -5.18 20.53 -6.75
C LEU A 136 -5.93 21.84 -6.54
N TYR A 137 -5.39 22.74 -5.73
CA TYR A 137 -6.05 24.00 -5.48
C TYR A 137 -6.15 24.79 -6.77
N THR A 138 -5.08 24.78 -7.55
CA THR A 138 -5.01 25.54 -8.79
C THR A 138 -5.98 24.95 -9.79
N HIS A 139 -6.04 23.62 -9.83
CA HIS A 139 -6.92 22.89 -10.76
C HIS A 139 -8.40 23.22 -10.52
N PHE A 140 -8.81 23.06 -9.28
CA PHE A 140 -10.20 23.27 -8.90
C PHE A 140 -10.62 24.73 -8.89
N SER A 141 -9.74 25.63 -8.45
CA SER A 141 -10.04 27.05 -8.53
C SER A 141 -10.26 27.50 -9.97
N SER A 142 -9.41 27.06 -10.90
CA SER A 142 -9.56 27.50 -12.31
C SER A 142 -10.93 27.10 -12.87
N ILE A 143 -11.40 25.93 -12.48
CA ILE A 143 -12.71 25.43 -12.94
C ILE A 143 -13.80 26.30 -12.34
N ALA A 144 -13.73 26.53 -11.02
CA ALA A 144 -14.72 27.37 -10.31
C ALA A 144 -14.87 28.74 -10.94
N LYS A 145 -13.77 29.32 -11.41
CA LYS A 145 -13.79 30.64 -12.01
C LYS A 145 -14.36 30.65 -13.41
N ALA A 146 -14.36 29.50 -14.05
CA ALA A 146 -14.75 29.42 -15.44
C ALA A 146 -16.26 29.18 -15.57
N ILE A 147 -16.90 28.69 -14.51
CA ILE A 147 -18.34 28.40 -14.57
C ILE A 147 -19.08 28.98 -13.41
N SER A 148 -20.41 28.98 -13.51
CA SER A 148 -21.27 29.48 -12.45
C SER A 148 -21.91 28.40 -11.60
N ILE A 149 -22.15 27.23 -12.18
CA ILE A 149 -22.88 26.20 -11.47
C ILE A 149 -21.97 25.55 -10.43
N PRO A 150 -22.55 24.85 -9.44
CA PRO A 150 -21.77 24.19 -8.40
C PRO A 150 -20.89 23.03 -8.87
N ILE A 151 -19.84 22.79 -8.08
CA ILE A 151 -18.87 21.76 -8.32
C ILE A 151 -18.87 20.84 -7.13
N ILE A 152 -18.96 19.53 -7.38
CA ILE A 152 -18.76 18.52 -6.35
C ILE A 152 -17.37 17.92 -6.59
N ILE A 153 -16.59 17.82 -5.51
CA ILE A 153 -15.23 17.28 -5.57
C ILE A 153 -15.26 15.74 -5.50
N TYR A 154 -14.61 15.07 -6.45
CA TYR A 154 -14.60 13.60 -6.47
C TYR A 154 -13.23 13.12 -5.99
N ASN A 155 -13.18 12.70 -4.72
CA ASN A 155 -11.92 12.29 -4.09
C ASN A 155 -11.86 10.77 -4.17
N ILE A 156 -10.88 10.26 -4.92
CA ILE A 156 -10.80 8.82 -5.19
C ILE A 156 -9.36 8.36 -5.40
N PRO A 157 -8.60 8.28 -4.28
CA PRO A 157 -7.19 7.86 -4.25
C PRO A 157 -6.97 6.50 -4.79
N SER A 158 -7.95 5.61 -4.64
CA SER A 158 -7.80 4.29 -5.22
C SER A 158 -7.55 4.36 -6.74
N ARG A 159 -8.00 5.43 -7.42
CA ARG A 159 -7.77 5.60 -8.87
C ARG A 159 -6.78 6.71 -9.22
N SER A 160 -6.78 7.79 -8.45
CA SER A 160 -5.91 8.94 -8.76
C SER A 160 -4.58 8.89 -8.02
N VAL A 161 -4.47 7.96 -7.09
CA VAL A 161 -3.32 7.79 -6.22
C VAL A 161 -3.24 8.85 -5.13
N ILE A 162 -3.25 10.12 -5.55
CA ILE A 162 -3.26 11.24 -4.62
C ILE A 162 -4.60 11.40 -3.91
N ASP A 163 -4.54 12.05 -2.76
CA ASP A 163 -5.70 12.34 -1.98
C ASP A 163 -5.80 13.86 -1.82
N MET A 164 -7.01 14.42 -1.90
CA MET A 164 -7.19 15.83 -1.56
C MET A 164 -7.37 15.90 -0.06
N ALA A 165 -6.45 16.59 0.60
CA ALA A 165 -6.49 16.78 2.03
C ALA A 165 -7.74 17.56 2.40
N VAL A 166 -8.20 17.33 3.63
CA VAL A 166 -9.39 18.01 4.10
C VAL A 166 -9.19 19.52 4.15
N GLU A 167 -8.00 19.94 4.56
CA GLU A 167 -7.64 21.37 4.60
C GLU A 167 -7.78 21.97 3.19
N THR A 168 -7.36 21.22 2.18
CA THR A 168 -7.49 21.68 0.83
C THR A 168 -8.97 21.80 0.43
N MET A 169 -9.77 20.81 0.84
CA MET A 169 -11.23 20.87 0.58
C MET A 169 -11.81 22.12 1.18
N ARG A 170 -11.52 22.31 2.45
CA ARG A 170 -11.90 23.53 3.17
C ARG A 170 -11.48 24.84 2.49
N ASP A 171 -10.22 24.98 2.10
CA ASP A 171 -9.74 26.16 1.42
C ASP A 171 -10.59 26.42 0.15
N LEU A 172 -10.81 25.41 -0.68
CA LEU A 172 -11.59 25.61 -1.89
C LEU A 172 -13.04 26.00 -1.66
N CYS A 173 -13.68 25.41 -0.64
N CYS A 173 -13.69 25.43 -0.66
CA CYS A 173 -15.10 25.74 -0.37
CA CYS A 173 -15.09 25.79 -0.40
C CYS A 173 -15.22 27.12 0.27
C CYS A 173 -15.18 27.17 0.19
N ARG A 174 -14.21 27.53 1.03
CA ARG A 174 -14.14 28.89 1.58
C ARG A 174 -13.93 29.94 0.48
N ASP A 175 -13.00 29.68 -0.42
CA ASP A 175 -12.62 30.69 -1.40
C ASP A 175 -13.58 30.74 -2.58
N PHE A 176 -14.39 29.69 -2.76
CA PHE A 176 -15.29 29.62 -3.91
C PHE A 176 -16.68 29.14 -3.51
N LYS A 177 -17.67 30.01 -3.73
CA LYS A 177 -19.06 29.76 -3.38
C LYS A 177 -19.66 28.59 -4.16
N ASN A 178 -19.21 28.41 -5.41
CA ASN A 178 -19.72 27.33 -6.26
C ASN A 178 -19.01 25.97 -6.09
N ILE A 179 -17.99 25.88 -5.25
CA ILE A 179 -17.51 24.57 -4.80
C ILE A 179 -18.22 24.22 -3.53
N ILE A 180 -19.11 23.21 -3.57
CA ILE A 180 -20.05 22.99 -2.47
C ILE A 180 -20.04 21.63 -1.74
N GLY A 181 -19.16 20.71 -2.15
CA GLY A 181 -19.25 19.35 -1.64
C GLY A 181 -18.30 18.33 -2.27
N VAL A 182 -18.45 17.09 -1.81
CA VAL A 182 -17.57 16.00 -2.16
C VAL A 182 -18.37 14.73 -2.47
N LYS A 183 -17.94 14.03 -3.51
CA LYS A 183 -18.23 12.63 -3.70
C LYS A 183 -17.00 11.93 -3.14
N ASP A 184 -17.16 11.36 -1.97
CA ASP A 184 -16.02 10.82 -1.21
C ASP A 184 -15.94 9.32 -1.49
N ALA A 185 -15.01 8.94 -2.37
CA ALA A 185 -14.72 7.54 -2.69
C ALA A 185 -13.53 6.96 -1.90
N THR A 186 -13.11 7.56 -0.81
CA THR A 186 -12.03 6.97 -0.05
C THR A 186 -12.42 5.63 0.60
N GLY A 187 -13.68 5.47 1.01
CA GLY A 187 -14.06 4.26 1.78
C GLY A 187 -13.56 4.30 3.22
N LYS A 188 -13.00 5.44 3.61
CA LYS A 188 -12.52 5.66 4.96
C LYS A 188 -13.48 6.60 5.66
N ILE A 189 -14.44 6.00 6.36
CA ILE A 189 -15.57 6.71 6.94
C ILE A 189 -15.17 7.82 7.93
N GLU A 190 -13.99 7.71 8.56
CA GLU A 190 -13.50 8.80 9.38
C GLU A 190 -13.37 10.11 8.60
N ARG A 191 -13.14 10.05 7.28
CA ARG A 191 -13.09 11.26 6.48
C ARG A 191 -14.38 12.04 6.48
N ALA A 192 -15.51 11.34 6.52
CA ALA A 192 -16.81 12.01 6.66
C ALA A 192 -16.81 12.91 7.89
N SER A 193 -16.32 12.39 9.01
CA SER A 193 -16.33 13.15 10.26
C SER A 193 -15.36 14.32 10.19
N GLU A 194 -14.16 14.09 9.65
CA GLU A 194 -13.20 15.17 9.53
C GLU A 194 -13.68 16.28 8.60
N GLN A 195 -14.31 15.89 7.50
CA GLN A 195 -14.83 16.86 6.52
C GLN A 195 -16.03 17.66 7.08
N ARG A 196 -16.85 16.98 7.84
CA ARG A 196 -18.00 17.60 8.50
C ARG A 196 -17.52 18.65 9.50
N GLU A 197 -16.54 18.29 10.30
CA GLU A 197 -15.96 19.21 11.27
C GLU A 197 -15.37 20.44 10.59
N LYS A 198 -14.56 20.23 9.55
CA LYS A 198 -13.66 21.28 9.09
C LYS A 198 -14.19 22.07 7.90
N CYS A 199 -15.09 21.49 7.11
CA CYS A 199 -15.61 22.19 5.93
C CYS A 199 -16.98 22.82 6.22
N GLY A 200 -17.63 22.36 7.29
CA GLY A 200 -19.00 22.81 7.62
C GLY A 200 -19.98 21.66 7.55
N LYS A 201 -21.06 21.77 8.31
CA LYS A 201 -22.23 20.91 8.15
C LYS A 201 -23.02 21.31 6.89
N ASP A 202 -22.89 22.57 6.46
CA ASP A 202 -23.36 23.02 5.12
C ASP A 202 -22.63 22.37 3.92
N PHE A 203 -21.42 21.86 4.15
CA PHE A 203 -20.65 21.18 3.11
C PHE A 203 -21.40 19.92 2.68
N VAL A 204 -21.66 19.78 1.38
CA VAL A 204 -22.45 18.63 0.92
C VAL A 204 -21.60 17.38 0.74
N GLN A 205 -21.92 16.35 1.52
CA GLN A 205 -21.13 15.14 1.57
C GLN A 205 -21.89 13.92 1.06
N LEU A 206 -21.51 13.45 -0.12
CA LEU A 206 -22.06 12.25 -0.73
C LEU A 206 -21.01 11.11 -0.77
N SER A 207 -21.38 9.90 -0.37
CA SER A 207 -20.43 8.78 -0.50
C SER A 207 -20.23 8.50 -1.98
N GLY A 208 -19.03 8.16 -2.38
CA GLY A 208 -18.78 7.57 -3.69
C GLY A 208 -18.47 6.08 -3.59
N ASP A 209 -18.93 5.41 -2.53
CA ASP A 209 -18.62 3.99 -2.30
C ASP A 209 -19.83 3.24 -1.72
N ASP A 210 -20.64 2.67 -2.62
CA ASP A 210 -21.84 1.94 -2.22
C ASP A 210 -21.54 1.01 -1.00
N CYS A 211 -20.37 0.39 -0.99
CA CYS A 211 -19.99 -0.60 0.06
C CYS A 211 -19.85 -0.03 1.47
N THR A 212 -19.64 1.29 1.56
CA THR A 212 -19.53 1.98 2.85
C THR A 212 -20.52 3.13 3.04
N ALA A 213 -21.42 3.33 2.08
CA ALA A 213 -22.39 4.41 2.09
C ALA A 213 -23.23 4.50 3.36
N LEU A 214 -23.69 3.35 3.85
CA LEU A 214 -24.51 3.31 5.05
C LEU A 214 -23.81 4.02 6.21
N GLY A 215 -22.62 3.56 6.53
CA GLY A 215 -21.84 4.13 7.63
C GLY A 215 -21.42 5.55 7.33
N PHE A 216 -21.21 5.85 6.05
CA PHE A 216 -20.87 7.20 5.62
C PHE A 216 -22.01 8.15 5.98
N ASN A 217 -23.24 7.73 5.76
CA ASN A 217 -24.37 8.57 6.17
C ASN A 217 -24.39 8.73 7.72
N ALA A 218 -24.04 7.68 8.44
CA ALA A 218 -24.10 7.75 9.90
C ALA A 218 -23.13 8.80 10.45
N HIS A 219 -21.97 8.95 9.83
CA HIS A 219 -20.97 9.92 10.24
C HIS A 219 -21.24 11.34 9.76
N GLY A 220 -22.28 11.53 8.94
CA GLY A 220 -22.68 12.85 8.46
C GLY A 220 -23.01 12.98 6.98
N GLY A 221 -22.90 11.90 6.21
CA GLY A 221 -23.24 11.97 4.78
C GLY A 221 -24.71 12.23 4.55
N VAL A 222 -25.08 12.72 3.37
CA VAL A 222 -26.50 12.93 3.09
C VAL A 222 -26.91 12.19 1.81
N GLY A 223 -26.17 11.18 1.45
CA GLY A 223 -26.45 10.45 0.23
C GLY A 223 -25.23 9.76 -0.32
N CYS A 224 -25.36 9.36 -1.58
CA CYS A 224 -24.34 8.57 -2.24
C CYS A 224 -24.55 8.74 -3.73
N ILE A 225 -23.47 9.06 -4.44
CA ILE A 225 -23.45 9.00 -5.89
C ILE A 225 -23.01 7.56 -6.19
N SER A 226 -23.98 6.80 -6.70
CA SER A 226 -24.00 5.34 -6.57
C SER A 226 -23.85 4.62 -7.91
N VAL A 227 -23.15 3.50 -7.87
CA VAL A 227 -23.08 2.59 -9.03
C VAL A 227 -24.22 1.56 -8.97
N SER A 228 -24.46 0.96 -7.78
CA SER A 228 -25.50 -0.04 -7.65
C SER A 228 -26.89 0.49 -8.03
N SER A 229 -27.14 1.77 -7.79
CA SER A 229 -28.44 2.37 -8.10
C SER A 229 -28.76 2.37 -9.60
N ASN A 230 -27.78 2.02 -10.41
CA ASN A 230 -28.02 1.83 -11.84
C ASN A 230 -29.06 0.74 -12.11
N VAL A 231 -29.00 -0.32 -11.32
CA VAL A 231 -29.89 -1.47 -11.43
C VAL A 231 -30.88 -1.59 -10.27
N ALA A 232 -30.62 -0.90 -9.16
CA ALA A 232 -31.54 -0.86 -8.03
C ALA A 232 -31.88 0.56 -7.59
N PRO A 233 -32.43 1.37 -8.49
CA PRO A 233 -32.59 2.78 -8.13
C PRO A 233 -33.60 2.97 -7.01
N LYS A 234 -34.66 2.17 -7.00
CA LYS A 234 -35.66 2.24 -5.93
C LYS A 234 -35.09 1.80 -4.57
N LEU A 235 -34.42 0.65 -4.54
CA LEU A 235 -33.96 0.11 -3.26
C LEU A 235 -32.91 1.08 -2.68
N CYS A 236 -32.06 1.60 -3.55
CA CYS A 236 -31.04 2.53 -3.15
C CYS A 236 -31.65 3.82 -2.65
N ALA A 237 -32.65 4.33 -3.35
CA ALA A 237 -33.30 5.57 -2.92
C ALA A 237 -33.95 5.35 -1.56
N GLN A 238 -34.53 4.18 -1.36
CA GLN A 238 -35.15 3.84 -0.08
C GLN A 238 -34.14 3.80 1.04
N LEU A 239 -32.97 3.24 0.77
CA LEU A 239 -31.96 3.14 1.82
C LEU A 239 -31.52 4.56 2.22
N HIS A 240 -31.24 5.39 1.25
CA HIS A 240 -30.77 6.74 1.60
C HIS A 240 -31.83 7.63 2.23
N ALA A 241 -33.09 7.49 1.84
CA ALA A 241 -34.15 8.21 2.52
C ALA A 241 -34.26 7.71 3.97
N ALA A 242 -34.07 6.41 4.17
CA ALA A 242 -34.11 5.84 5.53
C ALA A 242 -33.06 6.53 6.41
N CYS A 243 -31.85 6.66 5.88
CA CYS A 243 -30.79 7.36 6.60
C CYS A 243 -31.16 8.83 6.76
N LEU A 244 -31.67 9.46 5.70
CA LEU A 244 -32.02 10.88 5.77
C LEU A 244 -33.03 11.22 6.88
N CYS A 245 -33.95 10.31 7.18
CA CYS A 245 -34.83 10.49 8.33
C CYS A 245 -34.40 9.64 9.56
N SER A 246 -33.13 9.23 9.58
CA SER A 246 -32.53 8.51 10.72
C SER A 246 -33.23 7.23 11.11
N ASP A 247 -33.84 6.52 10.16
CA ASP A 247 -34.33 5.16 10.41
C ASP A 247 -33.25 4.18 9.96
N TYR A 248 -32.28 3.94 10.83
CA TYR A 248 -31.12 3.10 10.48
C TYR A 248 -31.44 1.60 10.61
N LYS A 249 -32.48 1.22 11.39
CA LYS A 249 -32.99 -0.17 11.36
C LYS A 249 -33.37 -0.54 9.92
N THR A 250 -34.19 0.28 9.29
CA THR A 250 -34.57 0.02 7.93
C THR A 250 -33.38 0.12 7.01
N ALA A 251 -32.52 1.13 7.23
CA ALA A 251 -31.34 1.33 6.39
C ALA A 251 -30.51 0.07 6.33
N LEU A 252 -30.26 -0.53 7.48
CA LEU A 252 -29.42 -1.71 7.60
C LEU A 252 -30.05 -2.86 6.83
N LYS A 253 -31.38 -2.94 6.91
CA LYS A 253 -32.09 -4.06 6.32
C LYS A 253 -31.95 -3.96 4.82
N LEU A 254 -32.09 -2.75 4.28
CA LEU A 254 -31.90 -2.55 2.86
C LEU A 254 -30.40 -2.69 2.50
N ASN A 255 -29.50 -2.29 3.39
CA ASN A 255 -28.09 -2.49 3.10
C ASN A 255 -27.78 -3.96 2.96
N ASP A 256 -28.37 -4.81 3.80
CA ASP A 256 -28.06 -6.25 3.72
C ASP A 256 -28.58 -6.85 2.40
N LEU A 257 -29.64 -6.29 1.86
CA LEU A 257 -30.10 -6.70 0.52
C LEU A 257 -29.11 -6.36 -0.62
N LEU A 258 -28.44 -5.23 -0.53
CA LEU A 258 -27.61 -4.70 -1.64
C LEU A 258 -26.12 -4.99 -1.57
N MET A 259 -25.60 -5.31 -0.38
CA MET A 259 -24.15 -5.34 -0.21
C MET A 259 -23.47 -6.34 -1.16
N PRO A 260 -24.02 -7.57 -1.25
CA PRO A 260 -23.40 -8.49 -2.21
C PRO A 260 -23.30 -7.92 -3.64
N LEU A 261 -24.34 -7.25 -4.11
CA LEU A 261 -24.27 -6.64 -5.41
C LEU A 261 -23.27 -5.48 -5.42
N ASN A 262 -23.25 -4.68 -4.35
CA ASN A 262 -22.26 -3.58 -4.21
C ASN A 262 -20.83 -4.10 -4.40
N ARG A 263 -20.48 -5.25 -3.82
CA ARG A 263 -19.14 -5.82 -4.04
C ARG A 263 -18.98 -6.38 -5.44
N ALA A 264 -19.95 -7.21 -5.82
CA ALA A 264 -19.93 -7.95 -7.08
C ALA A 264 -19.69 -7.08 -8.31
N VAL A 265 -20.33 -5.92 -8.39
CA VAL A 265 -20.14 -5.01 -9.52
C VAL A 265 -18.72 -4.39 -9.59
N PHE A 266 -17.85 -4.69 -8.59
CA PHE A 266 -16.45 -4.27 -8.64
C PHE A 266 -15.43 -5.42 -8.62
N ILE A 267 -15.86 -6.67 -8.81
CA ILE A 267 -14.89 -7.76 -8.76
C ILE A 267 -13.89 -7.57 -9.89
N GLU A 268 -14.43 -7.24 -11.06
CA GLU A 268 -13.67 -6.87 -12.22
C GLU A 268 -13.86 -5.37 -12.47
N PRO A 269 -13.15 -4.80 -13.48
CA PRO A 269 -13.11 -3.34 -13.65
C PRO A 269 -14.39 -2.74 -14.16
N SER A 270 -14.85 -1.71 -13.47
CA SER A 270 -16.16 -1.10 -13.66
C SER A 270 -16.11 -0.27 -14.96
N PRO A 271 -17.20 -0.19 -15.69
CA PRO A 271 -18.52 -0.69 -15.45
C PRO A 271 -18.90 -2.04 -16.12
N ALA A 272 -17.94 -2.90 -16.43
CA ALA A 272 -18.25 -4.23 -16.93
C ALA A 272 -19.29 -4.96 -16.04
N GLY A 273 -19.03 -4.99 -14.73
CA GLY A 273 -19.95 -5.57 -13.77
C GLY A 273 -21.37 -5.00 -13.73
N ILE A 274 -21.48 -3.70 -13.49
CA ILE A 274 -22.81 -3.06 -13.43
C ILE A 274 -23.58 -3.11 -14.77
N LYS A 275 -22.88 -3.09 -15.89
CA LYS A 275 -23.57 -3.21 -17.20
C LYS A 275 -24.09 -4.62 -17.46
N TYR A 276 -23.34 -5.65 -17.07
CA TYR A 276 -23.84 -7.02 -17.14
C TYR A 276 -25.12 -7.11 -16.31
N ALA A 277 -25.06 -6.58 -15.09
CA ALA A 277 -26.20 -6.55 -14.17
C ALA A 277 -27.38 -5.84 -14.80
N ALA A 278 -27.11 -4.71 -15.43
CA ALA A 278 -28.14 -3.97 -16.16
C ALA A 278 -28.71 -4.79 -17.34
N ALA A 279 -27.85 -5.50 -18.07
CA ALA A 279 -28.32 -6.36 -19.16
C ALA A 279 -29.18 -7.52 -18.64
N LYS A 280 -28.83 -8.08 -17.49
CA LYS A 280 -29.68 -9.07 -16.85
C LYS A 280 -31.11 -8.55 -16.51
N LEU A 281 -31.29 -7.22 -16.40
CA LEU A 281 -32.61 -6.61 -16.20
C LEU A 281 -33.21 -5.97 -17.46
N GLY A 282 -32.62 -6.26 -18.63
CA GLY A 282 -33.13 -5.76 -19.89
C GLY A 282 -32.93 -4.29 -20.17
N LEU A 283 -32.05 -3.64 -19.41
CA LEU A 283 -31.90 -2.19 -19.48
C LEU A 283 -30.94 -1.72 -20.58
N CYS A 284 -29.98 -2.58 -20.95
CA CYS A 284 -29.00 -2.26 -21.99
C CYS A 284 -28.26 -3.52 -22.43
N GLY A 285 -27.28 -3.34 -23.29
CA GLY A 285 -26.35 -4.41 -23.65
C GLY A 285 -25.07 -4.34 -22.81
N THR A 286 -24.21 -5.33 -22.97
CA THR A 286 -23.06 -5.51 -22.10
C THR A 286 -21.79 -4.87 -22.65
N ILE A 287 -21.90 -4.27 -23.85
CA ILE A 287 -20.74 -3.72 -24.55
C ILE A 287 -20.13 -2.54 -23.80
N VAL A 288 -18.82 -2.61 -23.66
CA VAL A 288 -17.97 -1.59 -23.05
C VAL A 288 -16.80 -1.29 -24.00
N ARG A 289 -16.11 -0.17 -23.82
CA ARG A 289 -14.96 0.18 -24.66
C ARG A 289 -13.64 -0.14 -23.98
N SER A 290 -12.73 -0.75 -24.73
CA SER A 290 -11.39 -1.08 -24.27
C SER A 290 -10.70 0.16 -23.68
N PRO A 291 -9.94 -0.01 -22.56
CA PRO A 291 -9.44 -1.24 -21.96
C PRO A 291 -10.39 -1.96 -21.03
N ILE A 292 -11.62 -1.46 -20.89
CA ILE A 292 -12.67 -2.22 -20.23
C ILE A 292 -13.13 -3.34 -21.18
N VAL A 293 -13.35 -4.52 -20.59
CA VAL A 293 -13.59 -5.77 -21.31
C VAL A 293 -14.71 -6.61 -20.66
N PRO A 294 -15.35 -7.53 -21.44
CA PRO A 294 -16.43 -8.36 -20.85
C PRO A 294 -16.00 -9.19 -19.63
N LEU A 295 -16.96 -9.53 -18.80
CA LEU A 295 -16.72 -10.30 -17.60
C LEU A 295 -16.39 -11.73 -17.96
N SER A 296 -15.71 -12.40 -17.05
CA SER A 296 -15.58 -13.86 -17.07
C SER A 296 -16.86 -14.47 -16.51
N ASP A 297 -17.05 -15.78 -16.72
CA ASP A 297 -18.27 -16.42 -16.29
C ASP A 297 -18.34 -16.48 -14.75
N THR A 298 -17.19 -16.56 -14.08
CA THR A 298 -17.18 -16.63 -12.61
C THR A 298 -17.81 -15.36 -11.98
N THR A 299 -17.51 -14.19 -12.55
CA THR A 299 -18.09 -12.95 -12.03
C THR A 299 -19.57 -12.86 -12.37
N LYS A 300 -19.93 -13.23 -13.60
CA LYS A 300 -21.32 -13.22 -14.03
C LYS A 300 -22.20 -14.05 -13.09
N LYS A 301 -21.71 -15.21 -12.68
CA LYS A 301 -22.43 -16.07 -11.73
C LYS A 301 -22.62 -15.35 -10.40
N ILE A 302 -21.55 -14.75 -9.90
CA ILE A 302 -21.61 -14.03 -8.61
C ILE A 302 -22.58 -12.85 -8.72
N ILE A 303 -22.58 -12.17 -9.86
CA ILE A 303 -23.49 -11.04 -10.02
C ILE A 303 -24.94 -11.55 -10.06
N ASP A 304 -25.17 -12.67 -10.74
CA ASP A 304 -26.49 -13.30 -10.72
C ASP A 304 -26.92 -13.61 -9.29
N GLU A 305 -26.04 -14.22 -8.53
CA GLU A 305 -26.42 -14.60 -7.18
C GLU A 305 -26.83 -13.37 -6.36
N ALA A 306 -26.11 -12.26 -6.52
CA ALA A 306 -26.37 -11.07 -5.71
C ALA A 306 -27.64 -10.32 -6.17
N LEU A 307 -27.96 -10.40 -7.46
CA LEU A 307 -29.24 -9.94 -8.01
C LEU A 307 -30.42 -10.74 -7.44
N TYR A 308 -30.31 -12.07 -7.41
CA TYR A 308 -31.30 -12.88 -6.71
C TYR A 308 -31.39 -12.49 -5.22
N HIS A 309 -30.25 -12.24 -4.58
CA HIS A 309 -30.26 -11.90 -3.15
C HIS A 309 -30.98 -10.56 -2.89
N ALA A 310 -30.88 -9.62 -3.83
CA ALA A 310 -31.54 -8.32 -3.66
C ALA A 310 -33.03 -8.34 -4.07
N GLY A 311 -33.49 -9.47 -4.58
CA GLY A 311 -34.84 -9.60 -5.08
C GLY A 311 -35.06 -8.97 -6.44
N LEU A 312 -33.99 -8.65 -7.16
CA LEU A 312 -34.14 -8.04 -8.48
C LEU A 312 -34.41 -9.09 -9.57
N LEU A 313 -34.13 -10.35 -9.26
CA LEU A 313 -34.49 -11.50 -10.09
C LEU A 313 -35.12 -12.58 -9.23
N LYS A 314 -36.10 -13.31 -9.80
CA LYS A 314 -36.83 -14.39 -9.11
C LYS A 314 -36.80 -15.69 -9.93
N SER B 21 -22.78 -12.97 24.46
CA SER B 21 -24.06 -12.19 24.43
C SER B 21 -23.91 -10.90 25.21
N MET B 22 -23.21 -10.99 26.34
CA MET B 22 -22.90 -9.80 27.15
C MET B 22 -21.76 -8.95 26.55
N LEU B 23 -21.11 -9.45 25.49
CA LEU B 23 -20.11 -8.64 24.81
C LEU B 23 -20.78 -7.68 23.84
N LYS B 24 -21.15 -6.51 24.35
CA LYS B 24 -21.73 -5.45 23.53
C LYS B 24 -21.39 -4.13 24.21
N GLY B 25 -21.57 -3.03 23.50
CA GLY B 25 -21.38 -1.70 24.13
C GLY B 25 -19.92 -1.24 24.07
N ALA B 26 -19.52 -0.41 25.02
CA ALA B 26 -18.15 0.05 25.09
C ALA B 26 -17.34 -0.87 25.99
N VAL B 27 -16.28 -1.41 25.43
CA VAL B 27 -15.34 -2.30 26.14
C VAL B 27 -13.97 -1.69 25.98
N THR B 28 -13.35 -1.35 27.10
CA THR B 28 -12.12 -0.57 27.07
C THR B 28 -10.90 -1.44 26.87
N ALA B 29 -10.08 -1.07 25.90
CA ALA B 29 -8.77 -1.68 25.72
C ALA B 29 -7.83 -1.09 26.80
N LEU B 30 -7.80 -1.75 27.97
CA LEU B 30 -7.14 -1.20 29.14
C LEU B 30 -5.64 -0.91 28.99
N ILE B 31 -5.25 0.27 29.44
CA ILE B 31 -3.86 0.64 29.57
C ILE B 31 -3.31 -0.07 30.82
N THR B 32 -2.02 -0.27 30.87
CA THR B 32 -1.35 -0.84 32.02
C THR B 32 -0.48 0.23 32.64
N PRO B 33 -0.95 0.89 33.68
CA PRO B 33 -0.14 1.91 34.32
C PRO B 33 1.18 1.38 34.87
N PHE B 34 2.25 2.12 34.65
CA PHE B 34 3.56 1.75 35.14
C PHE B 34 4.00 2.84 36.10
N ASP B 35 4.87 2.48 37.06
CA ASP B 35 5.51 3.48 37.93
C ASP B 35 6.69 4.13 37.21
N ASP B 36 7.43 4.97 37.91
CA ASP B 36 8.49 5.77 37.29
C ASP B 36 9.57 4.88 36.70
N ASN B 37 9.75 3.71 37.33
CA ASN B 37 10.75 2.73 36.90
C ASN B 37 10.27 1.81 35.77
N GLY B 38 8.98 1.92 35.41
CA GLY B 38 8.41 1.06 34.37
C GLY B 38 7.78 -0.22 34.89
N ALA B 39 7.81 -0.41 36.21
CA ALA B 39 7.16 -1.54 36.87
C ALA B 39 5.65 -1.33 36.88
N ILE B 40 4.89 -2.43 36.85
CA ILE B 40 3.43 -2.35 36.93
C ILE B 40 3.01 -1.58 38.19
N ASP B 41 2.12 -0.60 38.03
CA ASP B 41 1.53 0.04 39.18
C ASP B 41 0.18 -0.62 39.48
N GLU B 42 0.22 -1.63 40.33
CA GLU B 42 -0.95 -2.46 40.60
C GLU B 42 -2.08 -1.62 41.19
N LYS B 43 -1.77 -0.87 42.26
CA LYS B 43 -2.77 0.00 42.90
C LYS B 43 -3.42 0.98 41.91
N ALA B 44 -2.65 1.54 40.97
CA ALA B 44 -3.24 2.44 39.95
C ALA B 44 -4.09 1.65 38.98
N PHE B 45 -3.66 0.43 38.68
CA PHE B 45 -4.41 -0.41 37.75
C PHE B 45 -5.75 -0.79 38.37
N CYS B 46 -5.74 -1.29 39.60
CA CYS B 46 -6.99 -1.67 40.24
C CYS B 46 -7.94 -0.49 40.40
N ASN B 47 -7.41 0.70 40.74
CA ASN B 47 -8.26 1.87 40.95
C ASN B 47 -8.89 2.34 39.63
N PHE B 48 -8.13 2.20 38.55
CA PHE B 48 -8.57 2.60 37.22
C PHE B 48 -9.69 1.67 36.72
N VAL B 49 -9.51 0.37 36.96
CA VAL B 49 -10.52 -0.60 36.60
C VAL B 49 -11.81 -0.33 37.41
N GLU B 50 -11.70 -0.02 38.70
CA GLU B 50 -12.90 0.32 39.48
C GLU B 50 -13.61 1.54 38.86
N TRP B 51 -12.81 2.54 38.50
CA TRP B 51 -13.32 3.79 38.01
C TRP B 51 -14.06 3.55 36.67
N GLN B 52 -13.41 2.85 35.76
CA GLN B 52 -14.04 2.34 34.53
C GLN B 52 -15.45 1.73 34.72
N ILE B 53 -15.56 0.86 35.71
CA ILE B 53 -16.82 0.20 36.03
C ILE B 53 -17.83 1.20 36.56
N THR B 54 -17.42 2.05 37.50
CA THR B 54 -18.33 3.00 38.14
C THR B 54 -18.77 4.06 37.12
N GLN B 55 -17.98 4.27 36.08
CA GLN B 55 -18.30 5.27 35.06
C GLN B 55 -19.26 4.70 34.00
N GLY B 56 -19.46 3.38 34.03
CA GLY B 56 -20.53 2.73 33.29
C GLY B 56 -20.01 1.96 32.10
N ILE B 57 -18.74 1.53 32.14
CA ILE B 57 -18.18 0.80 31.02
C ILE B 57 -18.88 -0.55 30.95
N ASN B 58 -19.10 -1.08 29.74
CA ASN B 58 -19.86 -2.32 29.57
C ASN B 58 -18.98 -3.58 29.64
N GLY B 59 -17.67 -3.41 29.74
CA GLY B 59 -16.70 -4.52 29.75
C GLY B 59 -15.27 -4.01 29.73
N VAL B 60 -14.29 -4.87 30.02
CA VAL B 60 -12.90 -4.48 29.98
C VAL B 60 -12.04 -5.55 29.35
N SER B 61 -10.90 -5.12 28.82
CA SER B 61 -9.99 -5.97 28.07
C SER B 61 -8.57 -5.67 28.51
N PRO B 62 -8.09 -6.40 29.51
CA PRO B 62 -6.70 -6.22 29.92
C PRO B 62 -5.71 -6.90 28.99
N VAL B 63 -4.45 -6.50 29.14
CA VAL B 63 -3.27 -7.05 28.47
C VAL B 63 -3.41 -7.29 26.96
N GLY B 64 -3.98 -6.32 26.28
CA GLY B 64 -3.90 -6.27 24.82
C GLY B 64 -2.87 -5.24 24.37
N THR B 65 -2.95 -4.85 23.10
CA THR B 65 -1.98 -3.92 22.50
C THR B 65 -1.94 -2.60 23.25
N THR B 66 -3.13 -2.10 23.56
CA THR B 66 -3.22 -0.85 24.29
C THR B 66 -2.65 -1.02 25.69
N GLY B 67 -2.72 -2.23 26.25
CA GLY B 67 -2.17 -2.49 27.59
C GLY B 67 -0.70 -2.87 27.57
N GLU B 68 -0.07 -2.68 26.40
CA GLU B 68 1.35 -2.95 26.17
C GLU B 68 1.73 -4.42 26.33
N SER B 69 0.83 -5.30 25.92
CA SER B 69 1.09 -6.73 25.78
C SER B 69 2.47 -7.09 25.19
N PRO B 70 2.91 -6.40 24.12
CA PRO B 70 4.23 -6.78 23.56
C PRO B 70 5.41 -6.68 24.53
N THR B 71 5.33 -5.77 25.50
CA THR B 71 6.45 -5.54 26.38
C THR B 71 6.19 -6.05 27.79
N LEU B 72 5.15 -6.87 27.99
CA LEU B 72 4.91 -7.51 29.29
C LEU B 72 5.46 -8.93 29.26
N THR B 73 5.90 -9.40 30.41
CA THR B 73 6.31 -10.78 30.56
C THR B 73 5.06 -11.67 30.74
N HIS B 74 5.27 -12.97 30.68
CA HIS B 74 4.22 -13.92 31.01
C HIS B 74 3.68 -13.73 32.44
N GLU B 75 4.58 -13.50 33.40
CA GLU B 75 4.15 -13.34 34.80
C GLU B 75 3.31 -12.07 34.94
N GLU B 76 3.78 -10.97 34.35
CA GLU B 76 3.02 -9.73 34.35
C GLU B 76 1.68 -9.87 33.65
N HIS B 77 1.67 -10.55 32.52
CA HIS B 77 0.42 -10.80 31.75
C HIS B 77 -0.60 -11.55 32.65
N LYS B 78 -0.15 -12.61 33.30
CA LYS B 78 -1.02 -13.38 34.20
C LYS B 78 -1.55 -12.49 35.35
N ARG B 79 -0.63 -11.81 36.04
CA ARG B 79 -0.97 -10.92 37.17
C ARG B 79 -1.99 -9.82 36.79
N ILE B 80 -1.78 -9.14 35.69
CA ILE B 80 -2.69 -8.06 35.33
C ILE B 80 -4.12 -8.59 35.13
N ILE B 81 -4.21 -9.73 34.45
CA ILE B 81 -5.48 -10.43 34.27
C ILE B 81 -6.07 -10.81 35.63
N GLU B 82 -5.22 -11.36 36.49
CA GLU B 82 -5.65 -11.75 37.82
C GLU B 82 -6.25 -10.60 38.62
N LEU B 83 -5.56 -9.46 38.60
CA LEU B 83 -6.01 -8.29 39.35
C LEU B 83 -7.32 -7.73 38.77
N CYS B 84 -7.42 -7.78 37.45
CA CYS B 84 -8.58 -7.27 36.73
C CYS B 84 -9.82 -8.10 37.03
N VAL B 85 -9.69 -9.42 36.93
CA VAL B 85 -10.77 -10.35 37.27
C VAL B 85 -11.22 -10.15 38.73
N GLU B 86 -10.25 -9.95 39.62
CA GLU B 86 -10.55 -9.84 41.04
C GLU B 86 -11.28 -8.51 41.26
N GLN B 87 -10.77 -7.44 40.64
CA GLN B 87 -11.35 -6.14 40.86
C GLN B 87 -12.77 -6.09 40.31
N VAL B 88 -12.95 -6.59 39.10
CA VAL B 88 -14.23 -6.46 38.39
C VAL B 88 -15.37 -7.21 39.07
N ALA B 89 -15.02 -8.29 39.78
CA ALA B 89 -15.98 -9.11 40.53
C ALA B 89 -17.22 -9.46 39.73
N LYS B 90 -17.01 -9.93 38.49
CA LYS B 90 -18.10 -10.35 37.58
C LYS B 90 -19.10 -9.25 37.18
N ARG B 91 -18.83 -7.98 37.48
CA ARG B 91 -19.78 -6.92 37.19
C ARG B 91 -19.86 -6.62 35.69
N VAL B 92 -18.78 -6.90 34.97
CA VAL B 92 -18.75 -6.82 33.52
C VAL B 92 -17.81 -7.91 33.01
N PRO B 93 -17.91 -8.25 31.71
CA PRO B 93 -17.05 -9.27 31.14
C PRO B 93 -15.61 -8.83 31.05
N VAL B 94 -14.68 -9.75 31.25
CA VAL B 94 -13.26 -9.47 31.08
C VAL B 94 -12.80 -10.27 29.90
N VAL B 95 -12.38 -9.57 28.84
CA VAL B 95 -11.85 -10.19 27.65
C VAL B 95 -10.34 -9.96 27.61
N ALA B 96 -9.58 -10.92 28.13
CA ALA B 96 -8.14 -10.81 28.25
C ALA B 96 -7.42 -11.00 26.91
N GLY B 97 -6.44 -10.15 26.63
CA GLY B 97 -5.52 -10.40 25.53
C GLY B 97 -4.71 -11.67 25.77
N ALA B 98 -4.61 -12.50 24.74
CA ALA B 98 -3.77 -13.70 24.74
C ALA B 98 -3.07 -13.82 23.38
N GLY B 99 -2.59 -12.71 22.83
CA GLY B 99 -2.05 -12.69 21.47
C GLY B 99 -0.58 -13.09 21.41
N SER B 100 -0.18 -13.72 20.29
CA SER B 100 1.22 -13.96 19.92
C SER B 100 1.32 -14.34 18.44
N ASN B 101 2.51 -14.26 17.84
CA ASN B 101 2.74 -14.79 16.51
C ASN B 101 3.27 -16.23 16.49
N SER B 102 3.38 -16.82 17.69
CA SER B 102 3.61 -18.23 17.93
C SER B 102 2.35 -18.92 18.47
N THR B 103 1.88 -19.95 17.77
CA THR B 103 0.67 -20.64 18.14
C THR B 103 0.84 -21.24 19.53
N SER B 104 2.00 -21.84 19.78
CA SER B 104 2.23 -22.50 21.05
C SER B 104 2.20 -21.46 22.18
N GLU B 105 2.76 -20.27 21.93
CA GLU B 105 2.73 -19.23 22.95
C GLU B 105 1.32 -18.68 23.15
N ALA B 106 0.58 -18.46 22.06
CA ALA B 106 -0.82 -18.03 22.16
C ALA B 106 -1.68 -19.06 22.90
N VAL B 107 -1.45 -20.35 22.66
CA VAL B 107 -2.20 -21.35 23.39
C VAL B 107 -1.93 -21.17 24.88
N GLU B 108 -0.65 -21.08 25.29
CA GLU B 108 -0.31 -20.92 26.72
C GLU B 108 -0.86 -19.62 27.33
N LEU B 109 -0.77 -18.52 26.58
CA LEU B 109 -1.38 -17.27 26.99
C LEU B 109 -2.92 -17.40 27.18
N ALA B 110 -3.59 -18.20 26.35
CA ALA B 110 -5.04 -18.35 26.48
C ALA B 110 -5.39 -19.19 27.69
N LYS B 111 -4.60 -20.25 27.92
CA LYS B 111 -4.83 -21.13 29.05
C LYS B 111 -4.64 -20.37 30.37
N HIS B 112 -3.65 -19.48 30.46
CA HIS B 112 -3.44 -18.67 31.66
C HIS B 112 -4.60 -17.71 31.92
N ALA B 113 -5.04 -17.03 30.87
CA ALA B 113 -6.22 -16.16 30.91
C ALA B 113 -7.46 -16.89 31.46
N GLU B 114 -7.72 -18.08 30.92
CA GLU B 114 -8.86 -18.87 31.35
C GLU B 114 -8.69 -19.23 32.81
N LYS B 115 -7.51 -19.70 33.17
CA LYS B 115 -7.21 -20.10 34.58
C LYS B 115 -7.31 -18.88 35.52
N ALA B 116 -6.99 -17.69 35.02
CA ALA B 116 -7.08 -16.46 35.83
C ALA B 116 -8.49 -15.87 35.93
N GLY B 117 -9.48 -16.48 35.28
CA GLY B 117 -10.91 -16.12 35.49
C GLY B 117 -11.51 -15.25 34.41
N ALA B 118 -10.74 -15.01 33.34
CA ALA B 118 -11.25 -14.24 32.20
C ALA B 118 -12.54 -14.87 31.65
N ASP B 119 -13.46 -14.03 31.23
CA ASP B 119 -14.71 -14.48 30.61
C ASP B 119 -14.50 -14.81 29.12
N ALA B 120 -13.49 -14.19 28.49
CA ALA B 120 -13.12 -14.50 27.09
C ALA B 120 -11.68 -14.10 26.80
N VAL B 121 -11.15 -14.49 25.64
CA VAL B 121 -9.83 -14.03 25.22
C VAL B 121 -9.91 -13.31 23.89
N LEU B 122 -8.97 -12.39 23.68
CA LEU B 122 -8.87 -11.63 22.45
C LEU B 122 -7.54 -12.05 21.83
N VAL B 123 -7.61 -12.65 20.64
CA VAL B 123 -6.41 -13.23 20.02
C VAL B 123 -6.15 -12.55 18.68
N VAL B 124 -5.05 -11.80 18.57
CA VAL B 124 -4.70 -11.13 17.27
C VAL B 124 -4.21 -12.10 16.20
N THR B 125 -4.35 -11.69 14.93
CA THR B 125 -3.77 -12.42 13.82
C THR B 125 -2.25 -12.40 13.98
N PRO B 126 -1.56 -13.53 13.74
CA PRO B 126 -0.11 -13.45 13.81
C PRO B 126 0.50 -12.35 12.99
N TYR B 127 1.39 -11.60 13.64
CA TYR B 127 2.14 -10.49 13.09
C TYR B 127 3.57 -10.95 12.78
N TYR B 128 4.24 -10.19 11.93
CA TYR B 128 5.63 -10.41 11.52
C TYR B 128 5.88 -11.61 10.61
N ASN B 129 5.50 -12.82 11.01
CA ASN B 129 5.71 -14.04 10.14
C ASN B 129 4.68 -14.28 9.00
N ARG B 130 3.64 -13.46 8.93
CA ARG B 130 2.76 -13.39 7.74
C ARG B 130 2.23 -14.72 7.21
N PRO B 131 1.52 -15.47 8.07
CA PRO B 131 0.93 -16.73 7.69
C PRO B 131 -0.16 -16.57 6.65
N ASN B 132 -0.48 -17.66 5.96
CA ASN B 132 -1.54 -17.63 4.98
C ASN B 132 -2.83 -18.01 5.68
N GLN B 133 -3.91 -18.13 4.92
CA GLN B 133 -5.20 -18.40 5.52
C GLN B 133 -5.21 -19.76 6.26
N ARG B 134 -4.50 -20.74 5.73
CA ARG B 134 -4.37 -22.08 6.37
CA ARG B 134 -4.37 -22.07 6.35
C ARG B 134 -3.63 -21.99 7.69
N GLY B 135 -2.57 -21.20 7.74
CA GLY B 135 -1.85 -20.98 9.00
C GLY B 135 -2.73 -20.27 10.03
N LEU B 136 -3.52 -19.31 9.58
CA LEU B 136 -4.42 -18.61 10.47
C LEU B 136 -5.45 -19.62 11.03
N TYR B 137 -6.06 -20.42 10.15
CA TYR B 137 -6.94 -21.46 10.63
C TYR B 137 -6.26 -22.37 11.67
N THR B 138 -5.03 -22.81 11.42
CA THR B 138 -4.32 -23.72 12.35
C THR B 138 -4.12 -23.05 13.70
N HIS B 139 -3.65 -21.80 13.64
CA HIS B 139 -3.40 -21.01 14.84
C HIS B 139 -4.65 -20.85 15.70
N PHE B 140 -5.74 -20.36 15.13
CA PHE B 140 -6.94 -20.16 15.95
C PHE B 140 -7.62 -21.46 16.39
N SER B 141 -7.62 -22.47 15.53
CA SER B 141 -8.21 -23.74 15.90
C SER B 141 -7.44 -24.35 17.05
N SER B 142 -6.13 -24.19 17.06
CA SER B 142 -5.34 -24.73 18.16
C SER B 142 -5.74 -24.10 19.47
N ILE B 143 -5.98 -22.79 19.45
CA ILE B 143 -6.33 -22.06 20.67
C ILE B 143 -7.73 -22.50 21.15
N ALA B 144 -8.68 -22.51 20.22
CA ALA B 144 -10.04 -22.97 20.46
C ALA B 144 -10.09 -24.38 21.04
N LYS B 145 -9.22 -25.28 20.59
CA LYS B 145 -9.21 -26.63 21.19
C LYS B 145 -8.60 -26.67 22.59
N ALA B 146 -7.76 -25.70 22.94
CA ALA B 146 -7.09 -25.68 24.25
C ALA B 146 -7.88 -25.05 25.42
N ILE B 147 -8.91 -24.27 25.11
CA ILE B 147 -9.67 -23.56 26.14
C ILE B 147 -11.15 -23.78 25.97
N SER B 148 -11.90 -23.56 27.05
CA SER B 148 -13.38 -23.61 26.99
C SER B 148 -14.10 -22.30 26.73
N ILE B 149 -13.52 -21.21 27.26
CA ILE B 149 -14.15 -19.91 27.19
C ILE B 149 -14.06 -19.31 25.74
N PRO B 150 -14.87 -18.31 25.45
CA PRO B 150 -14.91 -17.78 24.08
C PRO B 150 -13.67 -17.04 23.61
N ILE B 151 -13.56 -16.93 22.29
CA ILE B 151 -12.41 -16.34 21.67
C ILE B 151 -12.99 -15.31 20.71
N ILE B 152 -12.44 -14.10 20.75
CA ILE B 152 -12.76 -13.03 19.81
C ILE B 152 -11.52 -12.83 18.96
N ILE B 153 -11.71 -12.74 17.65
CA ILE B 153 -10.62 -12.67 16.68
C ILE B 153 -10.28 -11.21 16.48
N TYR B 154 -8.98 -10.90 16.48
CA TYR B 154 -8.55 -9.52 16.42
C TYR B 154 -7.86 -9.34 15.09
N ASN B 155 -8.62 -8.81 14.14
CA ASN B 155 -8.14 -8.58 12.78
C ASN B 155 -7.64 -7.14 12.61
N ILE B 156 -6.34 -6.99 12.38
CA ILE B 156 -5.70 -5.70 12.33
C ILE B 156 -4.54 -5.76 11.38
N PRO B 157 -4.85 -5.70 10.06
CA PRO B 157 -3.83 -5.73 9.04
C PRO B 157 -2.81 -4.60 9.18
N SER B 158 -3.19 -3.48 9.77
CA SER B 158 -2.28 -2.35 9.82
C SER B 158 -1.09 -2.59 10.75
N ARG B 159 -1.20 -3.59 11.64
CA ARG B 159 -0.12 -4.02 12.49
C ARG B 159 0.38 -5.43 12.11
N SER B 160 -0.49 -6.34 11.71
CA SER B 160 -0.05 -7.69 11.34
C SER B 160 0.28 -7.90 9.84
N VAL B 161 -0.06 -6.91 9.00
CA VAL B 161 0.06 -6.95 7.47
C VAL B 161 -0.95 -7.91 6.77
N ILE B 162 -0.95 -9.17 7.19
CA ILE B 162 -1.94 -10.12 6.70
C ILE B 162 -3.33 -9.76 7.24
N ASP B 163 -4.32 -10.29 6.54
CA ASP B 163 -5.71 -10.08 6.86
C ASP B 163 -6.40 -11.42 6.89
N MET B 164 -7.15 -11.69 7.96
CA MET B 164 -8.03 -12.85 7.98
C MET B 164 -9.20 -12.61 7.04
N ALA B 165 -9.29 -13.48 6.03
CA ALA B 165 -10.39 -13.42 5.08
C ALA B 165 -11.71 -13.77 5.78
N VAL B 166 -12.80 -13.19 5.27
CA VAL B 166 -14.12 -13.49 5.83
C VAL B 166 -14.46 -14.98 5.76
N GLU B 167 -14.04 -15.65 4.70
CA GLU B 167 -14.22 -17.10 4.56
C GLU B 167 -13.55 -17.84 5.74
N THR B 168 -12.33 -17.45 6.08
CA THR B 168 -11.60 -18.06 7.17
C THR B 168 -12.31 -17.85 8.50
N MET B 169 -12.83 -16.66 8.74
CA MET B 169 -13.61 -16.34 9.95
C MET B 169 -14.84 -17.20 10.01
N ARG B 170 -15.55 -17.21 8.90
CA ARG B 170 -16.74 -18.06 8.72
C ARG B 170 -16.40 -19.48 9.02
N ASP B 171 -15.27 -19.99 8.51
CA ASP B 171 -14.89 -21.39 8.75
C ASP B 171 -14.62 -21.65 10.24
N LEU B 172 -13.90 -20.73 10.85
CA LEU B 172 -13.50 -20.86 12.24
C LEU B 172 -14.72 -20.86 13.16
N CYS B 173 -15.70 -20.01 12.86
N CYS B 173 -15.68 -20.00 12.88
CA CYS B 173 -16.92 -19.93 13.69
CA CYS B 173 -16.89 -19.97 13.71
C CYS B 173 -17.98 -20.95 13.33
C CYS B 173 -17.75 -21.19 13.48
N ARG B 174 -17.79 -21.72 12.26
CA ARG B 174 -18.59 -22.94 12.00
C ARG B 174 -17.96 -24.10 12.78
N ASP B 175 -16.64 -24.25 12.69
CA ASP B 175 -15.99 -25.43 13.18
C ASP B 175 -15.78 -25.41 14.68
N PHE B 176 -15.78 -24.23 15.30
CA PHE B 176 -15.54 -24.12 16.76
C PHE B 176 -16.58 -23.23 17.44
N LYS B 177 -17.43 -23.86 18.25
CA LYS B 177 -18.48 -23.17 19.00
C LYS B 177 -17.96 -22.09 19.98
N ASN B 178 -16.67 -22.12 20.33
CA ASN B 178 -16.09 -21.06 21.18
C ASN B 178 -15.33 -19.94 20.43
N ILE B 179 -15.41 -19.92 19.11
CA ILE B 179 -14.94 -18.73 18.37
C ILE B 179 -16.19 -17.99 17.99
N ILE B 180 -16.39 -16.82 18.58
CA ILE B 180 -17.73 -16.23 18.60
C ILE B 180 -17.83 -14.85 17.98
N GLY B 181 -16.70 -14.25 17.63
CA GLY B 181 -16.72 -12.87 17.16
C GLY B 181 -15.38 -12.27 16.75
N VAL B 182 -15.40 -10.97 16.49
CA VAL B 182 -14.23 -10.29 15.95
C VAL B 182 -14.10 -8.93 16.64
N LYS B 183 -12.87 -8.54 16.94
CA LYS B 183 -12.51 -7.13 17.09
C LYS B 183 -11.97 -6.65 15.73
N ASP B 184 -12.83 -6.04 14.94
CA ASP B 184 -12.44 -5.64 13.57
C ASP B 184 -11.73 -4.29 13.60
N ALA B 185 -10.40 -4.33 13.50
CA ALA B 185 -9.60 -3.11 13.47
C ALA B 185 -9.13 -2.72 12.04
N THR B 186 -9.85 -3.17 11.02
CA THR B 186 -9.45 -2.87 9.60
C THR B 186 -9.75 -1.45 9.21
N GLY B 187 -10.83 -0.89 9.75
CA GLY B 187 -11.23 0.47 9.43
C GLY B 187 -11.93 0.52 8.09
N LYS B 188 -12.31 -0.66 7.58
CA LYS B 188 -12.97 -0.83 6.32
C LYS B 188 -14.37 -1.32 6.64
N ILE B 189 -15.28 -0.36 6.74
CA ILE B 189 -16.62 -0.62 7.30
C ILE B 189 -17.44 -1.69 6.54
N GLU B 190 -17.21 -1.78 5.22
CA GLU B 190 -17.82 -2.78 4.40
C GLU B 190 -17.61 -4.18 4.96
N ARG B 191 -16.48 -4.39 5.63
CA ARG B 191 -16.22 -5.70 6.20
C ARG B 191 -17.31 -6.11 7.21
N ALA B 192 -17.79 -5.19 8.04
CA ALA B 192 -18.87 -5.53 8.98
C ALA B 192 -20.10 -6.12 8.28
N SER B 193 -20.43 -5.60 7.09
CA SER B 193 -21.50 -6.18 6.27
C SER B 193 -21.21 -7.60 5.80
N GLU B 194 -20.00 -7.83 5.29
CA GLU B 194 -19.69 -9.16 4.76
C GLU B 194 -19.61 -10.18 5.89
N GLN B 195 -19.05 -9.76 7.00
CA GLN B 195 -18.94 -10.59 8.18
C GLN B 195 -20.33 -10.94 8.73
N ARG B 196 -21.21 -9.94 8.77
CA ARG B 196 -22.59 -10.13 9.23
C ARG B 196 -23.30 -11.17 8.35
N GLU B 197 -23.16 -10.99 7.04
CA GLU B 197 -23.75 -11.82 6.05
C GLU B 197 -23.25 -13.24 6.09
N LYS B 198 -21.95 -13.45 6.23
CA LYS B 198 -21.39 -14.79 6.05
C LYS B 198 -21.07 -15.55 7.35
N CYS B 199 -20.73 -14.83 8.42
CA CYS B 199 -20.52 -15.44 9.73
C CYS B 199 -21.84 -15.48 10.53
N GLY B 200 -22.82 -14.68 10.12
CA GLY B 200 -24.18 -14.65 10.74
C GLY B 200 -24.45 -13.35 11.51
N LYS B 201 -25.74 -13.01 11.65
CA LYS B 201 -26.16 -11.96 12.60
C LYS B 201 -25.74 -12.29 14.06
N ASP B 202 -25.47 -13.57 14.36
CA ASP B 202 -25.07 -14.02 15.71
C ASP B 202 -23.59 -13.84 16.05
N PHE B 203 -22.78 -13.67 15.02
CA PHE B 203 -21.37 -13.43 15.16
C PHE B 203 -21.21 -12.06 15.84
N VAL B 204 -20.46 -12.00 16.93
CA VAL B 204 -20.33 -10.75 17.69
C VAL B 204 -19.25 -9.88 17.06
N GLN B 205 -19.70 -8.79 16.42
CA GLN B 205 -18.81 -7.84 15.78
C GLN B 205 -18.63 -6.55 16.59
N LEU B 206 -17.39 -6.28 16.96
CA LEU B 206 -17.05 -5.07 17.68
C LEU B 206 -15.92 -4.34 16.97
N SER B 207 -16.01 -3.02 16.95
CA SER B 207 -15.03 -2.23 16.21
C SER B 207 -13.74 -2.25 16.99
N GLY B 208 -12.62 -2.30 16.29
CA GLY B 208 -11.31 -2.07 16.89
C GLY B 208 -10.73 -0.73 16.45
N ASP B 209 -11.62 0.18 16.01
CA ASP B 209 -11.23 1.50 15.49
C ASP B 209 -12.23 2.59 15.93
N ASP B 210 -11.89 3.31 17.00
CA ASP B 210 -12.78 4.38 17.48
C ASP B 210 -13.21 5.34 16.37
N CYS B 211 -12.27 5.65 15.47
CA CYS B 211 -12.51 6.61 14.38
C CYS B 211 -13.58 6.20 13.39
N THR B 212 -13.85 4.90 13.28
CA THR B 212 -14.92 4.43 12.37
C THR B 212 -16.04 3.66 13.08
N ALA B 213 -15.97 3.61 14.42
CA ALA B 213 -16.88 2.81 15.23
C ALA B 213 -18.38 3.09 15.00
N LEU B 214 -18.76 4.36 14.87
CA LEU B 214 -20.17 4.71 14.68
C LEU B 214 -20.71 4.07 13.42
N GLY B 215 -19.93 4.16 12.35
CA GLY B 215 -20.32 3.59 11.06
C GLY B 215 -20.37 2.07 11.11
N PHE B 216 -19.41 1.50 11.83
CA PHE B 216 -19.30 0.06 11.93
C PHE B 216 -20.55 -0.52 12.65
N ASN B 217 -21.00 0.13 13.71
CA ASN B 217 -22.27 -0.23 14.34
C ASN B 217 -23.42 -0.12 13.34
N ALA B 218 -23.44 0.93 12.53
CA ALA B 218 -24.49 1.05 11.50
C ALA B 218 -24.59 -0.17 10.59
N HIS B 219 -23.44 -0.67 10.15
CA HIS B 219 -23.38 -1.82 9.23
C HIS B 219 -23.67 -3.15 9.94
N GLY B 220 -23.70 -3.17 11.29
CA GLY B 220 -24.04 -4.39 12.04
C GLY B 220 -23.26 -4.69 13.30
N GLY B 221 -22.34 -3.82 13.64
CA GLY B 221 -21.57 -3.92 14.86
C GLY B 221 -22.44 -3.67 16.08
N VAL B 222 -22.01 -4.23 17.20
CA VAL B 222 -22.74 -4.11 18.46
C VAL B 222 -21.87 -3.49 19.52
N GLY B 223 -20.88 -2.69 19.12
CA GLY B 223 -19.95 -2.08 20.08
C GLY B 223 -18.53 -1.94 19.57
N CYS B 224 -17.62 -1.67 20.51
CA CYS B 224 -16.25 -1.28 20.18
C CYS B 224 -15.33 -1.66 21.36
N ILE B 225 -14.23 -2.33 21.06
CA ILE B 225 -13.17 -2.49 22.03
C ILE B 225 -12.31 -1.28 21.76
N SER B 226 -12.39 -0.35 22.71
CA SER B 226 -12.06 1.04 22.50
C SER B 226 -10.76 1.46 23.24
N VAL B 227 -10.01 2.40 22.64
CA VAL B 227 -8.85 3.02 23.31
C VAL B 227 -9.30 4.30 24.05
N SER B 228 -10.05 5.15 23.32
CA SER B 228 -10.69 6.33 23.89
C SER B 228 -11.51 6.14 25.18
N SER B 229 -12.20 5.02 25.32
CA SER B 229 -12.94 4.76 26.55
C SER B 229 -12.05 4.62 27.81
N ASN B 230 -10.74 4.57 27.60
CA ASN B 230 -9.80 4.61 28.71
C ASN B 230 -9.99 5.93 29.47
N VAL B 231 -10.21 7.01 28.75
CA VAL B 231 -10.34 8.33 29.36
C VAL B 231 -11.75 8.91 29.28
N ALA B 232 -12.61 8.32 28.45
CA ALA B 232 -13.99 8.77 28.27
C ALA B 232 -14.96 7.58 28.41
N PRO B 233 -14.85 6.80 29.53
CA PRO B 233 -15.70 5.61 29.63
C PRO B 233 -17.20 5.91 29.54
N LYS B 234 -17.66 7.01 30.14
CA LYS B 234 -19.08 7.34 30.15
C LYS B 234 -19.57 7.72 28.75
N LEU B 235 -18.87 8.64 28.08
CA LEU B 235 -19.33 9.10 26.77
C LEU B 235 -19.28 7.97 25.78
N CYS B 236 -18.20 7.19 25.79
CA CYS B 236 -18.15 6.07 24.88
C CYS B 236 -19.29 5.08 25.18
N ALA B 237 -19.51 4.78 26.47
CA ALA B 237 -20.66 3.96 26.83
C ALA B 237 -21.97 4.56 26.31
N GLN B 238 -22.15 5.87 26.44
CA GLN B 238 -23.36 6.59 25.94
C GLN B 238 -23.50 6.44 24.41
N LEU B 239 -22.40 6.60 23.69
CA LEU B 239 -22.46 6.56 22.23
C LEU B 239 -22.89 5.17 21.75
N HIS B 240 -22.30 4.13 22.30
CA HIS B 240 -22.63 2.76 21.85
C HIS B 240 -23.99 2.31 22.34
N ALA B 241 -24.41 2.79 23.51
CA ALA B 241 -25.78 2.63 23.95
C ALA B 241 -26.74 3.27 22.92
N ALA B 242 -26.48 4.52 22.53
CA ALA B 242 -27.28 5.16 21.48
C ALA B 242 -27.39 4.24 20.27
N CYS B 243 -26.25 3.72 19.81
CA CYS B 243 -26.22 2.80 18.67
C CYS B 243 -27.06 1.54 18.93
N LEU B 244 -26.84 0.93 20.10
CA LEU B 244 -27.56 -0.30 20.46
C LEU B 244 -29.07 -0.11 20.51
N CYS B 245 -29.53 1.05 20.98
N CYS B 245 -29.57 1.05 20.97
CA CYS B 245 -30.96 1.45 20.91
CA CYS B 245 -31.01 1.34 20.86
C CYS B 245 -31.37 1.99 19.53
C CYS B 245 -31.37 2.03 19.54
N SER B 246 -30.45 2.00 18.58
CA SER B 246 -30.70 2.53 17.24
C SER B 246 -31.01 4.03 17.22
N ASP B 247 -30.51 4.78 18.21
CA ASP B 247 -30.64 6.24 18.20
C ASP B 247 -29.37 6.86 17.60
N TYR B 248 -29.35 6.99 16.28
CA TYR B 248 -28.17 7.45 15.57
C TYR B 248 -27.98 8.97 15.54
N LYS B 249 -29.06 9.73 15.69
CA LYS B 249 -28.95 11.20 15.86
C LYS B 249 -28.11 11.47 17.09
N THR B 250 -28.51 10.86 18.21
CA THR B 250 -27.73 11.00 19.45
C THR B 250 -26.32 10.43 19.32
N ALA B 251 -26.15 9.28 18.67
CA ALA B 251 -24.80 8.72 18.52
C ALA B 251 -23.87 9.64 17.72
N LEU B 252 -24.38 10.25 16.65
CA LEU B 252 -23.61 11.18 15.81
C LEU B 252 -23.13 12.41 16.60
N LYS B 253 -23.96 12.86 17.51
CA LYS B 253 -23.65 14.05 18.29
C LYS B 253 -22.61 13.72 19.34
N LEU B 254 -22.72 12.54 19.95
CA LEU B 254 -21.69 12.08 20.88
C LEU B 254 -20.36 11.85 20.14
N ASN B 255 -20.43 11.33 18.91
CA ASN B 255 -19.22 11.18 18.06
C ASN B 255 -18.51 12.51 17.83
N ASP B 256 -19.31 13.56 17.66
CA ASP B 256 -18.76 14.90 17.37
C ASP B 256 -17.87 15.35 18.55
N LEU B 257 -18.31 15.03 19.76
CA LEU B 257 -17.50 15.27 20.98
C LEU B 257 -16.22 14.43 21.05
N LEU B 258 -16.25 13.21 20.50
CA LEU B 258 -15.16 12.24 20.71
C LEU B 258 -14.14 12.17 19.58
N MET B 259 -14.51 12.55 18.36
CA MET B 259 -13.64 12.29 17.21
C MET B 259 -12.26 12.92 17.29
N PRO B 260 -12.16 14.20 17.70
CA PRO B 260 -10.82 14.75 17.82
C PRO B 260 -9.91 13.96 18.78
N LEU B 261 -10.47 13.50 19.89
CA LEU B 261 -9.72 12.68 20.85
C LEU B 261 -9.37 11.33 20.24
N ASN B 262 -10.31 10.75 19.51
CA ASN B 262 -10.10 9.47 18.82
C ASN B 262 -8.91 9.55 17.85
N ARG B 263 -8.85 10.61 17.05
CA ARG B 263 -7.73 10.79 16.14
C ARG B 263 -6.46 11.11 16.92
N ALA B 264 -6.57 12.02 17.87
CA ALA B 264 -5.37 12.59 18.48
C ALA B 264 -4.52 11.54 19.21
N VAL B 265 -5.15 10.52 19.78
CA VAL B 265 -4.43 9.54 20.59
C VAL B 265 -3.80 8.50 19.68
N PHE B 266 -3.88 8.73 18.38
CA PHE B 266 -3.14 7.91 17.44
C PHE B 266 -2.13 8.68 16.62
N ILE B 267 -1.86 9.93 16.98
CA ILE B 267 -0.86 10.71 16.22
C ILE B 267 0.53 10.12 16.40
N GLU B 268 0.86 9.69 17.61
CA GLU B 268 2.11 8.97 17.87
C GLU B 268 1.77 7.54 18.26
N PRO B 269 2.76 6.66 18.26
CA PRO B 269 2.46 5.24 18.52
C PRO B 269 1.82 4.98 19.88
N SER B 270 0.67 4.29 19.85
CA SER B 270 -0.12 4.05 21.03
C SER B 270 0.57 2.99 21.88
N PRO B 271 0.45 3.06 23.21
CA PRO B 271 -0.41 3.94 23.97
C PRO B 271 0.24 5.21 24.61
N ALA B 272 1.33 5.74 24.06
CA ALA B 272 1.91 7.00 24.59
C ALA B 272 0.78 8.04 24.78
N GLY B 273 -0.03 8.17 23.73
CA GLY B 273 -1.06 9.18 23.66
C GLY B 273 -2.21 8.98 24.62
N ILE B 274 -2.74 7.76 24.65
CA ILE B 274 -3.85 7.51 25.56
C ILE B 274 -3.38 7.58 27.00
N LYS B 275 -2.13 7.18 27.26
CA LYS B 275 -1.59 7.25 28.61
C LYS B 275 -1.41 8.67 29.08
N TYR B 276 -0.97 9.55 28.17
CA TYR B 276 -0.80 10.96 28.49
C TYR B 276 -2.15 11.57 28.85
N ALA B 277 -3.19 11.15 28.12
CA ALA B 277 -4.54 11.66 28.34
C ALA B 277 -5.05 11.23 29.72
N ALA B 278 -4.81 9.97 30.06
CA ALA B 278 -5.17 9.44 31.38
C ALA B 278 -4.41 10.14 32.49
N ALA B 279 -3.15 10.46 32.21
CA ALA B 279 -2.32 11.19 33.16
C ALA B 279 -2.92 12.58 33.44
N LYS B 280 -3.36 13.26 32.37
CA LYS B 280 -4.01 14.57 32.47
C LYS B 280 -5.28 14.53 33.30
N LEU B 281 -5.92 13.37 33.40
CA LEU B 281 -7.12 13.23 34.22
C LEU B 281 -6.82 12.63 35.60
N GLY B 282 -5.53 12.47 35.91
CA GLY B 282 -5.09 11.98 37.22
C GLY B 282 -5.20 10.48 37.43
N LEU B 283 -5.39 9.72 36.35
CA LEU B 283 -5.67 8.28 36.46
C LEU B 283 -4.42 7.41 36.54
N CYS B 284 -3.31 7.94 36.04
CA CYS B 284 -2.04 7.24 36.04
C CYS B 284 -0.92 8.20 35.63
N GLY B 285 0.33 7.72 35.70
CA GLY B 285 1.45 8.43 35.10
C GLY B 285 1.69 8.09 33.63
N THR B 286 2.60 8.81 33.00
CA THR B 286 2.79 8.72 31.56
C THR B 286 3.82 7.66 31.10
N ILE B 287 4.48 6.94 32.01
CA ILE B 287 5.58 6.04 31.58
C ILE B 287 5.06 4.89 30.70
N VAL B 288 5.76 4.65 29.59
CA VAL B 288 5.52 3.53 28.65
C VAL B 288 6.83 2.71 28.51
N ARG B 289 6.75 1.52 27.92
CA ARG B 289 7.96 0.69 27.73
C ARG B 289 8.50 0.78 26.32
N SER B 290 9.81 0.99 26.23
CA SER B 290 10.48 1.02 24.93
C SER B 290 10.14 -0.24 24.13
N PRO B 291 9.87 -0.08 22.83
CA PRO B 291 10.13 1.07 22.01
C PRO B 291 8.99 2.11 21.91
N ILE B 292 7.97 2.00 22.75
CA ILE B 292 7.00 3.08 22.84
C ILE B 292 7.66 4.17 23.70
N VAL B 293 7.53 5.45 23.29
CA VAL B 293 8.24 6.57 23.95
C VAL B 293 7.35 7.76 24.26
N PRO B 294 7.85 8.72 25.10
CA PRO B 294 7.08 9.91 25.43
C PRO B 294 6.65 10.71 24.19
N LEU B 295 5.55 11.43 24.32
CA LEU B 295 5.03 12.25 23.24
C LEU B 295 5.85 13.51 23.06
N SER B 296 5.84 14.07 21.85
CA SER B 296 6.28 15.44 21.66
C SER B 296 5.26 16.42 22.21
N ASP B 297 5.69 17.64 22.46
CA ASP B 297 4.78 18.67 22.96
C ASP B 297 3.67 19.04 21.98
N THR B 298 3.95 19.07 20.68
CA THR B 298 2.89 19.29 19.70
C THR B 298 1.72 18.33 19.88
N THR B 299 2.05 17.07 20.10
CA THR B 299 1.02 16.06 20.25
C THR B 299 0.24 16.26 21.54
N LYS B 300 0.96 16.56 22.62
CA LYS B 300 0.31 16.76 23.93
C LYS B 300 -0.67 17.93 23.92
N LYS B 301 -0.32 19.00 23.20
CA LYS B 301 -1.21 20.17 23.02
C LYS B 301 -2.46 19.74 22.26
N ILE B 302 -2.28 18.95 21.22
CA ILE B 302 -3.42 18.47 20.41
C ILE B 302 -4.36 17.57 21.24
N ILE B 303 -3.79 16.70 22.08
CA ILE B 303 -4.60 15.86 22.96
C ILE B 303 -5.34 16.73 23.97
N ASP B 304 -4.66 17.76 24.50
CA ASP B 304 -5.27 18.67 25.48
C ASP B 304 -6.51 19.36 24.88
N GLU B 305 -6.39 19.83 23.64
CA GLU B 305 -7.51 20.45 22.95
C GLU B 305 -8.66 19.47 22.73
N ALA B 306 -8.31 18.24 22.39
CA ALA B 306 -9.27 17.15 22.21
C ALA B 306 -9.99 16.86 23.51
N LEU B 307 -9.23 16.78 24.62
CA LEU B 307 -9.86 16.51 25.92
C LEU B 307 -10.80 17.66 26.32
N TYR B 308 -10.39 18.87 25.96
CA TYR B 308 -11.20 20.04 26.24
C TYR B 308 -12.49 20.05 25.39
N HIS B 309 -12.36 19.73 24.10
CA HIS B 309 -13.53 19.64 23.20
C HIS B 309 -14.55 18.60 23.68
N ALA B 310 -14.06 17.52 24.28
CA ALA B 310 -14.92 16.46 24.81
C ALA B 310 -15.57 16.84 26.14
N GLY B 311 -15.09 17.94 26.73
CA GLY B 311 -15.58 18.37 28.01
C GLY B 311 -14.96 17.61 29.17
N LEU B 312 -13.78 17.02 28.96
CA LEU B 312 -13.15 16.17 29.98
C LEU B 312 -12.14 16.90 30.88
N LEU B 313 -11.68 18.09 30.47
CA LEU B 313 -11.06 19.07 31.39
C LEU B 313 -11.47 20.52 31.06
N SER C 21 16.80 -3.20 -31.41
CA SER C 21 18.27 -3.27 -31.60
C SER C 21 18.91 -1.89 -31.41
N MET C 22 18.13 -0.85 -31.73
CA MET C 22 18.58 0.53 -31.61
C MET C 22 18.58 1.04 -30.15
N LEU C 23 17.60 0.62 -29.37
CA LEU C 23 17.37 1.21 -28.05
C LEU C 23 18.23 0.61 -26.95
N LYS C 24 19.27 1.35 -26.58
CA LYS C 24 20.04 1.04 -25.37
C LYS C 24 20.72 2.32 -24.85
N GLY C 25 21.32 2.24 -23.66
CA GLY C 25 21.99 3.38 -23.04
C GLY C 25 21.03 4.38 -22.40
N ALA C 26 21.42 5.65 -22.47
CA ALA C 26 20.63 6.75 -21.91
C ALA C 26 19.71 7.34 -22.97
N VAL C 27 18.40 7.34 -22.69
CA VAL C 27 17.36 7.81 -23.59
C VAL C 27 16.52 8.86 -22.83
N THR C 28 16.56 10.13 -23.22
CA THR C 28 15.94 11.15 -22.39
C THR C 28 14.45 11.31 -22.61
N ALA C 29 13.70 11.17 -21.51
CA ALA C 29 12.28 11.55 -21.45
C ALA C 29 12.22 13.09 -21.55
N LEU C 30 12.18 13.60 -22.80
CA LEU C 30 12.32 15.03 -23.04
C LEU C 30 11.25 15.87 -22.36
N ILE C 31 11.68 16.91 -21.66
CA ILE C 31 10.79 17.95 -21.19
C ILE C 31 10.25 18.67 -22.44
N THR C 32 9.10 19.32 -22.32
CA THR C 32 8.55 20.20 -23.36
C THR C 32 8.59 21.65 -22.83
N PRO C 33 9.57 22.43 -23.27
CA PRO C 33 9.66 23.82 -22.80
C PRO C 33 8.45 24.69 -23.20
N PHE C 34 7.92 25.44 -22.25
CA PHE C 34 6.80 26.32 -22.48
C PHE C 34 7.29 27.74 -22.27
N ASP C 35 6.69 28.70 -22.97
CA ASP C 35 6.96 30.12 -22.76
C ASP C 35 6.19 30.68 -21.56
N ASP C 36 6.20 32.01 -21.42
CA ASP C 36 5.63 32.68 -20.25
C ASP C 36 4.12 32.50 -20.17
N ASN C 37 3.48 32.30 -21.31
CA ASN C 37 2.05 32.03 -21.34
C ASN C 37 1.68 30.55 -21.29
N GLY C 38 2.69 29.68 -21.30
CA GLY C 38 2.43 28.24 -21.31
C GLY C 38 2.33 27.61 -22.70
N ALA C 39 2.60 28.40 -23.75
CA ALA C 39 2.64 27.91 -25.12
C ALA C 39 3.98 27.23 -25.36
N ILE C 40 4.01 26.31 -26.31
CA ILE C 40 5.22 25.55 -26.59
C ILE C 40 6.28 26.51 -27.05
N ASP C 41 7.47 26.41 -26.49
CA ASP C 41 8.60 27.21 -26.97
C ASP C 41 9.34 26.31 -27.94
N GLU C 42 9.05 26.48 -29.21
CA GLU C 42 9.62 25.60 -30.23
C GLU C 42 11.12 25.73 -30.33
N LYS C 43 11.65 26.95 -30.28
CA LYS C 43 13.10 27.19 -30.45
C LYS C 43 13.84 26.56 -29.27
N ALA C 44 13.40 26.87 -28.07
CA ALA C 44 13.97 26.25 -26.89
C ALA C 44 13.91 24.73 -27.01
N PHE C 45 12.82 24.19 -27.56
CA PHE C 45 12.70 22.73 -27.69
C PHE C 45 13.78 22.18 -28.62
N CYS C 46 13.85 22.74 -29.81
CA CYS C 46 14.78 22.30 -30.83
C CYS C 46 16.24 22.47 -30.38
N ASN C 47 16.58 23.64 -29.83
CA ASN C 47 17.91 23.87 -29.28
C ASN C 47 18.21 22.81 -28.17
N PHE C 48 17.18 22.43 -27.42
CA PHE C 48 17.37 21.46 -26.32
C PHE C 48 17.67 20.09 -26.90
N VAL C 49 17.02 19.76 -28.02
CA VAL C 49 17.20 18.43 -28.60
C VAL C 49 18.60 18.34 -29.20
N GLU C 50 19.01 19.35 -29.95
CA GLU C 50 20.39 19.43 -30.46
C GLU C 50 21.46 19.27 -29.36
N TRP C 51 21.27 19.97 -28.26
CA TRP C 51 22.20 19.90 -27.15
C TRP C 51 22.29 18.47 -26.62
N GLN C 52 21.13 17.81 -26.52
CA GLN C 52 21.05 16.48 -25.97
C GLN C 52 21.90 15.56 -26.84
N ILE C 53 21.72 15.70 -28.15
CA ILE C 53 22.47 14.94 -29.13
C ILE C 53 23.99 15.23 -29.07
N THR C 54 24.40 16.49 -28.98
CA THR C 54 25.83 16.84 -29.03
C THR C 54 26.51 16.53 -27.70
N GLN C 55 25.70 16.46 -26.63
CA GLN C 55 26.19 15.98 -25.34
C GLN C 55 26.38 14.48 -25.31
N GLY C 56 25.83 13.77 -26.28
CA GLY C 56 26.06 12.32 -26.41
C GLY C 56 24.93 11.43 -25.94
N ILE C 57 23.70 11.94 -25.89
CA ILE C 57 22.56 11.08 -25.56
C ILE C 57 22.42 9.99 -26.62
N ASN C 58 21.98 8.83 -26.21
CA ASN C 58 21.85 7.66 -27.08
C ASN C 58 20.46 7.56 -27.68
N GLY C 59 19.52 8.36 -27.20
CA GLY C 59 18.16 8.36 -27.77
C GLY C 59 17.30 9.46 -27.12
N VAL C 60 16.20 9.83 -27.77
CA VAL C 60 15.26 10.78 -27.16
C VAL C 60 13.81 10.30 -27.20
N SER C 61 13.03 10.71 -26.21
CA SER C 61 11.64 10.29 -26.10
C SER C 61 10.76 11.51 -25.89
N PRO C 62 10.24 12.09 -27.00
CA PRO C 62 9.34 13.23 -26.89
C PRO C 62 7.95 12.88 -26.39
N VAL C 63 7.28 13.88 -25.84
CA VAL C 63 5.87 13.86 -25.51
C VAL C 63 5.45 12.66 -24.71
N GLY C 64 6.22 12.38 -23.67
CA GLY C 64 5.81 11.44 -22.64
C GLY C 64 5.34 12.24 -21.42
N THR C 65 5.33 11.58 -20.26
CA THR C 65 4.88 12.17 -18.99
C THR C 65 5.73 13.36 -18.59
N THR C 66 7.05 13.17 -18.68
CA THR C 66 8.03 14.22 -18.33
C THR C 66 7.88 15.38 -19.31
N GLY C 67 7.44 15.07 -20.53
CA GLY C 67 7.14 16.11 -21.57
C GLY C 67 5.75 16.71 -21.47
N GLU C 68 5.06 16.40 -20.38
CA GLU C 68 3.72 16.95 -20.06
C GLU C 68 2.59 16.52 -21.02
N SER C 69 2.75 15.33 -21.59
CA SER C 69 1.73 14.70 -22.43
C SER C 69 0.31 14.78 -21.90
N PRO C 70 0.10 14.67 -20.59
CA PRO C 70 -1.28 14.83 -20.15
C PRO C 70 -1.93 16.17 -20.44
N THR C 71 -1.12 17.22 -20.53
CA THR C 71 -1.68 18.57 -20.71
C THR C 71 -1.42 19.09 -22.13
N LEU C 72 -0.85 18.27 -23.00
CA LEU C 72 -0.67 18.68 -24.40
C LEU C 72 -1.90 18.30 -25.20
N THR C 73 -2.20 19.08 -26.22
CA THR C 73 -3.30 18.71 -27.10
C THR C 73 -2.76 17.69 -28.12
N HIS C 74 -3.68 17.06 -28.85
CA HIS C 74 -3.32 16.21 -30.00
C HIS C 74 -2.46 16.99 -31.03
N GLU C 75 -2.85 18.22 -31.36
CA GLU C 75 -2.05 18.98 -32.31
C GLU C 75 -0.62 19.24 -31.76
N GLU C 76 -0.50 19.58 -30.49
CA GLU C 76 0.81 19.84 -29.92
C GLU C 76 1.69 18.58 -29.93
N HIS C 77 1.07 17.46 -29.58
CA HIS C 77 1.72 16.16 -29.49
C HIS C 77 2.37 15.84 -30.84
N LYS C 78 1.60 16.01 -31.94
CA LYS C 78 2.08 15.80 -33.30
C LYS C 78 3.27 16.74 -33.61
N ARG C 79 3.07 18.01 -33.28
CA ARG C 79 4.03 19.04 -33.61
C ARG C 79 5.34 18.78 -32.91
N ILE C 80 5.27 18.51 -31.61
CA ILE C 80 6.48 18.22 -30.85
C ILE C 80 7.25 17.04 -31.42
N ILE C 81 6.54 15.96 -31.76
CA ILE C 81 7.18 14.82 -32.40
C ILE C 81 7.79 15.22 -33.75
N GLU C 82 7.05 15.98 -34.54
CA GLU C 82 7.59 16.41 -35.84
C GLU C 82 8.89 17.20 -35.67
N LEU C 83 8.85 18.24 -34.84
CA LEU C 83 10.06 19.01 -34.51
C LEU C 83 11.19 18.14 -33.97
N CYS C 84 10.86 17.18 -33.10
CA CYS C 84 11.87 16.32 -32.51
C CYS C 84 12.54 15.46 -33.55
N VAL C 85 11.72 14.81 -34.38
CA VAL C 85 12.23 14.03 -35.53
C VAL C 85 13.07 14.86 -36.50
N GLU C 86 12.59 16.05 -36.86
CA GLU C 86 13.32 16.90 -37.81
C GLU C 86 14.67 17.36 -37.21
N GLN C 87 14.67 17.77 -35.96
CA GLN C 87 15.91 18.20 -35.30
C GLN C 87 16.94 17.07 -35.15
N VAL C 88 16.45 15.85 -34.92
CA VAL C 88 17.32 14.72 -34.68
C VAL C 88 17.97 14.22 -35.95
N ALA C 89 17.28 14.34 -37.08
CA ALA C 89 17.84 13.96 -38.38
C ALA C 89 18.50 12.58 -38.27
N LYS C 90 17.76 11.64 -37.70
CA LYS C 90 18.16 10.22 -37.64
C LYS C 90 19.47 9.90 -36.91
N ARG C 91 20.02 10.86 -36.18
CA ARG C 91 21.27 10.61 -35.50
C ARG C 91 21.06 9.66 -34.31
N VAL C 92 19.86 9.67 -33.74
CA VAL C 92 19.53 8.74 -32.61
C VAL C 92 18.07 8.33 -32.72
N PRO C 93 17.68 7.19 -32.14
CA PRO C 93 16.27 6.82 -32.18
C PRO C 93 15.38 7.82 -31.46
N VAL C 94 14.17 8.01 -31.98
CA VAL C 94 13.15 8.83 -31.40
C VAL C 94 12.01 7.89 -30.99
N VAL C 95 11.80 7.76 -29.69
CA VAL C 95 10.76 6.92 -29.11
C VAL C 95 9.69 7.82 -28.50
N ALA C 96 8.67 8.12 -29.29
CA ALA C 96 7.63 9.08 -28.93
C ALA C 96 6.56 8.47 -28.02
N GLY C 97 6.12 9.24 -27.02
CA GLY C 97 4.95 8.88 -26.23
C GLY C 97 3.66 8.86 -27.07
N ALA C 98 2.86 7.83 -26.86
CA ALA C 98 1.54 7.72 -27.47
C ALA C 98 0.55 7.12 -26.45
N GLY C 99 0.63 7.56 -25.21
CA GLY C 99 -0.16 6.96 -24.12
C GLY C 99 -1.53 7.59 -23.88
N SER C 100 -2.47 6.75 -23.46
CA SER C 100 -3.82 7.16 -23.06
C SER C 100 -4.44 6.02 -22.27
N ASN C 101 -5.51 6.32 -21.52
CA ASN C 101 -6.25 5.27 -20.83
C ASN C 101 -7.47 4.82 -21.67
N SER C 102 -7.59 5.40 -22.86
CA SER C 102 -8.53 5.03 -23.89
C SER C 102 -7.80 4.32 -25.05
N THR C 103 -8.24 3.12 -25.41
CA THR C 103 -7.54 2.35 -26.41
C THR C 103 -7.66 3.08 -27.76
N SER C 104 -8.86 3.54 -28.12
CA SER C 104 -9.01 4.21 -29.41
C SER C 104 -8.17 5.49 -29.49
N GLU C 105 -7.98 6.19 -28.37
CA GLU C 105 -7.14 7.38 -28.37
C GLU C 105 -5.66 7.02 -28.50
N ALA C 106 -5.21 6.05 -27.71
CA ALA C 106 -3.85 5.48 -27.86
C ALA C 106 -3.53 5.01 -29.30
N VAL C 107 -4.48 4.33 -29.94
CA VAL C 107 -4.36 3.97 -31.36
C VAL C 107 -4.10 5.22 -32.21
N GLU C 108 -4.94 6.25 -32.05
CA GLU C 108 -4.80 7.45 -32.87
C GLU C 108 -3.45 8.13 -32.62
N LEU C 109 -3.05 8.19 -31.35
CA LEU C 109 -1.79 8.81 -30.96
C LEU C 109 -0.57 8.05 -31.55
N ALA C 110 -0.56 6.71 -31.42
CA ALA C 110 0.50 5.91 -32.02
C ALA C 110 0.57 6.06 -33.55
N LYS C 111 -0.58 6.07 -34.20
CA LYS C 111 -0.61 6.29 -35.64
C LYS C 111 -0.03 7.64 -35.98
N HIS C 112 -0.40 8.68 -35.24
CA HIS C 112 0.17 10.02 -35.53
C HIS C 112 1.70 10.02 -35.34
N ALA C 113 2.16 9.45 -34.22
CA ALA C 113 3.60 9.35 -33.98
C ALA C 113 4.34 8.66 -35.13
N GLU C 114 3.72 7.66 -35.72
CA GLU C 114 4.33 6.96 -36.84
C GLU C 114 4.39 7.84 -38.07
N LYS C 115 3.27 8.46 -38.42
CA LYS C 115 3.25 9.41 -39.52
C LYS C 115 4.27 10.53 -39.32
N ALA C 116 4.47 10.95 -38.07
CA ALA C 116 5.33 12.11 -37.84
C ALA C 116 6.81 11.71 -37.83
N GLY C 117 7.09 10.42 -38.02
CA GLY C 117 8.45 9.92 -38.26
C GLY C 117 9.15 9.33 -37.05
N ALA C 118 8.41 9.06 -35.98
CA ALA C 118 8.98 8.40 -34.79
C ALA C 118 9.54 7.01 -35.14
N ASP C 119 10.58 6.59 -34.45
CA ASP C 119 11.21 5.28 -34.69
C ASP C 119 10.52 4.18 -33.86
N ALA C 120 9.92 4.59 -32.74
CA ALA C 120 9.08 3.70 -31.95
C ALA C 120 8.11 4.52 -31.09
N VAL C 121 7.15 3.86 -30.45
CA VAL C 121 6.29 4.55 -29.50
C VAL C 121 6.42 3.92 -28.11
N LEU C 122 6.18 4.76 -27.09
CA LEU C 122 6.24 4.41 -25.67
C LEU C 122 4.79 4.52 -25.26
N VAL C 123 4.23 3.43 -24.72
CA VAL C 123 2.79 3.34 -24.50
C VAL C 123 2.56 2.86 -23.08
N VAL C 124 2.04 3.77 -22.24
CA VAL C 124 1.79 3.50 -20.81
C VAL C 124 0.59 2.57 -20.55
N THR C 125 0.62 1.84 -19.44
CA THR C 125 -0.54 1.07 -19.02
C THR C 125 -1.68 2.06 -18.69
N PRO C 126 -2.92 1.80 -19.17
CA PRO C 126 -4.01 2.71 -18.88
C PRO C 126 -4.08 3.00 -17.42
N TYR C 127 -4.23 4.29 -17.10
CA TYR C 127 -4.29 4.80 -15.73
C TYR C 127 -5.76 5.12 -15.44
N TYR C 128 -6.08 5.29 -14.17
CA TYR C 128 -7.41 5.68 -13.68
C TYR C 128 -8.48 4.57 -13.79
N ASN C 129 -8.71 4.02 -14.97
CA ASN C 129 -9.78 2.99 -15.17
C ASN C 129 -9.41 1.55 -14.82
N ARG C 130 -8.17 1.35 -14.40
CA ARG C 130 -7.77 0.12 -13.74
C ARG C 130 -8.22 -1.18 -14.43
N PRO C 131 -7.91 -1.32 -15.72
CA PRO C 131 -8.23 -2.55 -16.42
C PRO C 131 -7.49 -3.75 -15.89
N ASN C 132 -8.00 -4.94 -16.22
CA ASN C 132 -7.35 -6.16 -15.84
C ASN C 132 -6.37 -6.63 -16.92
N GLN C 133 -5.73 -7.78 -16.67
CA GLN C 133 -4.74 -8.30 -17.60
C GLN C 133 -5.32 -8.49 -19.01
N ARG C 134 -6.57 -8.92 -19.13
CA ARG C 134 -7.22 -9.07 -20.43
CA ARG C 134 -7.24 -9.06 -20.43
C ARG C 134 -7.47 -7.69 -21.06
N GLY C 135 -7.78 -6.71 -20.22
CA GLY C 135 -7.91 -5.34 -20.72
C GLY C 135 -6.58 -4.80 -21.23
N LEU C 136 -5.53 -5.08 -20.47
CA LEU C 136 -4.18 -4.69 -20.92
C LEU C 136 -3.80 -5.33 -22.24
N TYR C 137 -4.09 -6.63 -22.38
CA TYR C 137 -3.82 -7.33 -23.64
C TYR C 137 -4.59 -6.70 -24.82
N THR C 138 -5.89 -6.40 -24.64
CA THR C 138 -6.67 -5.79 -25.69
C THR C 138 -6.18 -4.41 -26.07
N HIS C 139 -5.75 -3.66 -25.07
CA HIS C 139 -5.22 -2.31 -25.29
C HIS C 139 -3.96 -2.34 -26.14
N PHE C 140 -2.93 -3.06 -25.68
CA PHE C 140 -1.63 -3.08 -26.41
C PHE C 140 -1.70 -3.81 -27.74
N SER C 141 -2.51 -4.86 -27.80
CA SER C 141 -2.69 -5.57 -29.06
C SER C 141 -3.37 -4.70 -30.11
N SER C 142 -4.36 -3.90 -29.73
CA SER C 142 -5.02 -2.98 -30.70
C SER C 142 -4.04 -1.96 -31.27
N ILE C 143 -3.19 -1.41 -30.40
CA ILE C 143 -2.14 -0.52 -30.85
C ILE C 143 -1.18 -1.24 -31.82
N ALA C 144 -0.71 -2.41 -31.41
CA ALA C 144 0.25 -3.15 -32.22
C ALA C 144 -0.27 -3.37 -33.63
N LYS C 145 -1.55 -3.69 -33.78
CA LYS C 145 -2.12 -3.98 -35.11
C LYS C 145 -2.29 -2.74 -35.95
N ALA C 146 -2.34 -1.58 -35.31
CA ALA C 146 -2.62 -0.34 -36.00
C ALA C 146 -1.39 0.37 -36.58
N ILE C 147 -0.19 -0.03 -36.17
CA ILE C 147 1.03 0.62 -36.64
C ILE C 147 2.09 -0.42 -37.02
N SER C 148 3.14 0.03 -37.71
CA SER C 148 4.23 -0.85 -38.15
C SER C 148 5.50 -0.78 -37.28
N ILE C 149 5.78 0.41 -36.74
CA ILE C 149 6.98 0.68 -35.99
C ILE C 149 6.86 0.02 -34.60
N PRO C 150 7.97 -0.14 -33.91
CA PRO C 150 7.99 -0.87 -32.60
C PRO C 150 7.35 -0.18 -31.39
N ILE C 151 6.99 -0.97 -30.37
CA ILE C 151 6.29 -0.46 -29.21
C ILE C 151 7.04 -0.87 -27.95
N ILE C 152 7.27 0.12 -27.08
CA ILE C 152 7.79 -0.09 -25.73
C ILE C 152 6.67 0.07 -24.72
N ILE C 153 6.40 -0.98 -23.98
CA ILE C 153 5.39 -0.93 -22.92
C ILE C 153 5.92 -0.15 -21.73
N TYR C 154 5.10 0.78 -21.24
CA TYR C 154 5.50 1.61 -20.10
C TYR C 154 4.68 1.19 -18.88
N ASN C 155 5.30 0.38 -18.05
CA ASN C 155 4.63 -0.20 -16.90
C ASN C 155 4.95 0.66 -15.68
N ILE C 156 3.96 1.36 -15.14
CA ILE C 156 4.22 2.26 -14.02
C ILE C 156 3.06 2.25 -13.00
N PRO C 157 3.08 1.27 -12.07
CA PRO C 157 2.03 1.11 -11.09
C PRO C 157 1.88 2.31 -10.13
N SER C 158 2.98 2.99 -9.81
CA SER C 158 2.92 4.12 -8.88
C SER C 158 2.02 5.22 -9.45
N ARG C 159 1.88 5.28 -10.77
CA ARG C 159 0.93 6.23 -11.44
C ARG C 159 -0.36 5.57 -11.97
N SER C 160 -0.27 4.39 -12.57
CA SER C 160 -1.45 3.74 -13.14
C SER C 160 -2.22 2.81 -12.20
N VAL C 161 -1.69 2.62 -10.98
CA VAL C 161 -2.16 1.65 -10.00
C VAL C 161 -2.07 0.20 -10.44
N ILE C 162 -2.67 -0.14 -11.58
CA ILE C 162 -2.52 -1.48 -12.12
C ILE C 162 -1.07 -1.76 -12.60
N ASP C 163 -0.81 -3.02 -12.84
CA ASP C 163 0.49 -3.52 -13.19
C ASP C 163 0.32 -4.62 -14.21
N MET C 164 1.10 -4.53 -15.29
CA MET C 164 1.08 -5.51 -16.32
C MET C 164 1.93 -6.64 -15.83
N ALA C 165 1.30 -7.80 -15.66
CA ALA C 165 2.00 -8.99 -15.23
C ALA C 165 3.02 -9.43 -16.30
N VAL C 166 4.06 -10.11 -15.83
CA VAL C 166 5.09 -10.61 -16.73
C VAL C 166 4.47 -11.53 -17.77
N GLU C 167 3.55 -12.40 -17.33
CA GLU C 167 2.87 -13.31 -18.26
C GLU C 167 2.15 -12.55 -19.37
N THR C 168 1.54 -11.42 -19.02
CA THR C 168 0.89 -10.59 -20.06
C THR C 168 1.89 -9.98 -21.02
N MET C 169 3.03 -9.58 -20.46
CA MET C 169 4.13 -9.01 -21.22
C MET C 169 4.66 -10.06 -22.18
N ARG C 170 4.85 -11.25 -21.66
CA ARG C 170 5.25 -12.36 -22.52
C ARG C 170 4.27 -12.60 -23.69
N ASP C 171 2.99 -12.65 -23.39
CA ASP C 171 1.98 -12.91 -24.41
C ASP C 171 2.01 -11.87 -25.51
N LEU C 172 2.08 -10.60 -25.10
CA LEU C 172 2.11 -9.52 -26.05
C LEU C 172 3.40 -9.55 -26.91
N CYS C 173 4.56 -9.75 -26.30
CA CYS C 173 5.79 -9.72 -27.12
C CYS C 173 5.91 -10.98 -28.02
N ARG C 174 5.31 -12.08 -27.60
CA ARG C 174 5.27 -13.29 -28.45
C ARG C 174 4.26 -13.17 -29.57
N ASP C 175 3.13 -12.50 -29.33
CA ASP C 175 2.10 -12.42 -30.35
C ASP C 175 2.32 -11.29 -31.35
N PHE C 176 3.10 -10.27 -30.99
CA PHE C 176 3.32 -9.14 -31.90
C PHE C 176 4.79 -8.80 -32.05
N LYS C 177 5.27 -8.95 -33.28
CA LYS C 177 6.68 -8.75 -33.59
C LYS C 177 7.09 -7.29 -33.24
N ASN C 178 6.16 -6.35 -33.39
CA ASN C 178 6.44 -4.95 -33.04
C ASN C 178 6.29 -4.57 -31.54
N ILE C 179 6.00 -5.52 -30.67
CA ILE C 179 6.09 -5.22 -29.25
C ILE C 179 7.41 -5.83 -28.80
N ILE C 180 8.40 -4.95 -28.53
CA ILE C 180 9.82 -5.35 -28.46
C ILE C 180 10.49 -5.10 -27.11
N GLY C 181 9.83 -4.36 -26.21
CA GLY C 181 10.42 -4.12 -24.89
C GLY C 181 9.56 -3.44 -23.83
N VAL C 182 10.20 -2.94 -22.78
CA VAL C 182 9.50 -2.31 -21.67
C VAL C 182 10.30 -1.10 -21.13
N LYS C 183 9.56 -0.06 -20.71
CA LYS C 183 10.10 0.97 -19.82
C LYS C 183 9.63 0.58 -18.42
N ASP C 184 10.49 -0.07 -17.65
CA ASP C 184 10.02 -0.60 -16.35
C ASP C 184 10.22 0.45 -15.28
N ALA C 185 9.12 1.13 -14.96
CA ALA C 185 9.15 2.15 -13.91
C ALA C 185 8.65 1.59 -12.59
N THR C 186 8.74 0.27 -12.38
CA THR C 186 8.29 -0.29 -11.09
C THR C 186 9.28 -0.01 -10.01
N GLY C 187 10.56 0.09 -10.38
CA GLY C 187 11.60 0.22 -9.39
C GLY C 187 11.67 -1.00 -8.47
N LYS C 188 11.18 -2.13 -8.94
CA LYS C 188 11.30 -3.40 -8.24
C LYS C 188 12.21 -4.25 -9.13
N ILE C 189 13.51 -4.22 -8.83
CA ILE C 189 14.52 -4.68 -9.77
C ILE C 189 14.39 -6.18 -10.06
N GLU C 190 13.76 -6.92 -9.16
CA GLU C 190 13.57 -8.35 -9.39
C GLU C 190 12.77 -8.61 -10.68
N ARG C 191 11.90 -7.67 -11.05
CA ARG C 191 11.13 -7.78 -12.29
C ARG C 191 12.02 -7.87 -13.55
N ALA C 192 13.16 -7.19 -13.52
CA ALA C 192 14.09 -7.23 -14.64
C ALA C 192 14.50 -8.67 -14.97
N SER C 193 14.75 -9.47 -13.92
CA SER C 193 15.14 -10.86 -14.06
C SER C 193 14.00 -11.69 -14.61
N GLU C 194 12.81 -11.47 -14.06
CA GLU C 194 11.67 -12.31 -14.44
C GLU C 194 11.27 -12.05 -15.85
N GLN C 195 11.39 -10.79 -16.22
CA GLN C 195 11.11 -10.35 -17.57
C GLN C 195 12.15 -10.93 -18.54
N ARG C 196 13.42 -10.99 -18.11
CA ARG C 196 14.50 -11.51 -18.97
C ARG C 196 14.30 -13.00 -19.24
N GLU C 197 13.98 -13.73 -18.16
CA GLU C 197 13.65 -15.14 -18.23
C GLU C 197 12.46 -15.41 -19.12
N LYS C 198 11.35 -14.73 -18.88
CA LYS C 198 10.10 -15.11 -19.52
C LYS C 198 9.84 -14.44 -20.87
N CYS C 199 10.35 -13.24 -21.08
CA CYS C 199 10.21 -12.55 -22.36
C CYS C 199 11.43 -12.74 -23.28
N GLY C 200 12.56 -13.20 -22.71
CA GLY C 200 13.79 -13.43 -23.47
C GLY C 200 14.89 -12.40 -23.22
N LYS C 201 16.11 -12.82 -23.49
CA LYS C 201 17.25 -11.89 -23.45
C LYS C 201 17.10 -10.83 -24.51
N ASP C 202 16.33 -11.14 -25.55
CA ASP C 202 16.08 -10.21 -26.65
C ASP C 202 15.03 -9.14 -26.38
N PHE C 203 14.20 -9.35 -25.38
CA PHE C 203 13.26 -8.33 -24.95
C PHE C 203 14.06 -7.13 -24.45
N VAL C 204 13.83 -5.97 -25.06
CA VAL C 204 14.57 -4.75 -24.71
C VAL C 204 14.01 -4.10 -23.42
N GLN C 205 14.77 -4.23 -22.36
CA GLN C 205 14.39 -3.70 -21.08
C GLN C 205 15.20 -2.44 -20.78
N LEU C 206 14.48 -1.31 -20.65
CA LEU C 206 15.02 -0.04 -20.23
C LEU C 206 14.39 0.37 -18.90
N SER C 207 15.19 0.85 -17.97
CA SER C 207 14.61 1.30 -16.71
C SER C 207 13.82 2.56 -16.95
N GLY C 208 12.71 2.69 -16.22
CA GLY C 208 11.97 3.92 -16.14
C GLY C 208 12.11 4.60 -14.80
N ASP C 209 13.19 4.30 -14.06
CA ASP C 209 13.45 4.85 -12.72
C ASP C 209 14.92 5.13 -12.50
N ASP C 210 15.33 6.40 -12.61
CA ASP C 210 16.76 6.76 -12.43
C ASP C 210 17.28 6.23 -11.07
N CYS C 211 16.45 6.28 -10.05
CA CYS C 211 16.85 5.90 -8.70
C CYS C 211 17.28 4.44 -8.53
N THR C 212 16.82 3.55 -9.41
CA THR C 212 17.22 2.17 -9.41
C THR C 212 17.80 1.67 -10.76
N ALA C 213 18.14 2.59 -11.66
CA ALA C 213 18.56 2.19 -13.00
C ALA C 213 19.84 1.35 -13.00
N LEU C 214 20.74 1.63 -12.07
CA LEU C 214 22.04 0.92 -12.05
C LEU C 214 21.84 -0.56 -11.74
N GLY C 215 21.03 -0.83 -10.72
CA GLY C 215 20.72 -2.19 -10.31
C GLY C 215 19.90 -2.89 -11.36
N PHE C 216 19.02 -2.14 -12.01
CA PHE C 216 18.19 -2.67 -13.12
C PHE C 216 19.03 -3.29 -14.22
N ASN C 217 20.02 -2.52 -14.66
CA ASN C 217 21.01 -2.98 -15.63
C ASN C 217 21.77 -4.22 -15.14
N ALA C 218 22.13 -4.25 -13.87
CA ALA C 218 22.86 -5.41 -13.39
C ALA C 218 22.00 -6.66 -13.60
N HIS C 219 20.69 -6.52 -13.44
CA HIS C 219 19.76 -7.64 -13.48
C HIS C 219 19.37 -8.05 -14.91
N GLY C 220 19.76 -7.24 -15.90
CA GLY C 220 19.51 -7.55 -17.31
C GLY C 220 19.03 -6.41 -18.20
N GLY C 221 18.89 -5.21 -17.63
CA GLY C 221 18.43 -4.07 -18.42
C GLY C 221 19.57 -3.57 -19.24
N VAL C 222 19.28 -2.78 -20.26
CA VAL C 222 20.31 -2.30 -21.15
C VAL C 222 20.27 -0.78 -21.30
N GLY C 223 19.82 -0.07 -20.28
CA GLY C 223 19.70 1.38 -20.38
C GLY C 223 18.51 1.92 -19.63
N CYS C 224 18.20 3.20 -19.80
CA CYS C 224 17.16 3.86 -19.01
C CYS C 224 16.52 4.97 -19.84
N ILE C 225 15.19 5.01 -19.88
CA ILE C 225 14.51 6.16 -20.46
C ILE C 225 14.40 7.11 -19.29
N SER C 226 15.21 8.17 -19.33
CA SER C 226 15.63 8.91 -18.12
C SER C 226 15.01 10.28 -17.92
N VAL C 227 14.88 10.67 -16.65
CA VAL C 227 14.43 12.03 -16.28
C VAL C 227 15.66 12.90 -16.08
N SER C 228 16.57 12.46 -15.20
CA SER C 228 17.82 13.18 -14.89
C SER C 228 18.67 13.57 -16.12
N SER C 229 18.64 12.73 -17.14
CA SER C 229 19.40 12.99 -18.37
C SER C 229 18.93 14.22 -19.17
N ASN C 230 17.76 14.75 -18.84
CA ASN C 230 17.36 16.05 -19.36
C ASN C 230 18.44 17.11 -19.05
N VAL C 231 18.99 17.05 -17.84
CA VAL C 231 19.98 18.04 -17.39
C VAL C 231 21.40 17.49 -17.33
N ALA C 232 21.55 16.16 -17.32
CA ALA C 232 22.87 15.54 -17.27
C ALA C 232 23.02 14.46 -18.34
N PRO C 233 22.84 14.83 -19.62
CA PRO C 233 22.84 13.76 -20.63
C PRO C 233 24.19 13.03 -20.75
N LYS C 234 25.28 13.78 -20.61
CA LYS C 234 26.61 13.19 -20.72
C LYS C 234 26.84 12.15 -19.59
N LEU C 235 26.64 12.57 -18.34
CA LEU C 235 26.87 11.65 -17.21
C LEU C 235 25.98 10.43 -17.33
N CYS C 236 24.72 10.64 -17.71
CA CYS C 236 23.80 9.53 -17.82
C CYS C 236 24.25 8.52 -18.88
N ALA C 237 24.60 9.01 -20.07
CA ALA C 237 25.11 8.14 -21.15
C ALA C 237 26.40 7.48 -20.70
N GLN C 238 27.24 8.21 -19.98
CA GLN C 238 28.47 7.56 -19.47
C GLN C 238 28.16 6.39 -18.51
N LEU C 239 27.28 6.63 -17.54
CA LEU C 239 26.88 5.61 -16.56
C LEU C 239 26.33 4.39 -17.30
N HIS C 240 25.43 4.61 -18.24
CA HIS C 240 24.86 3.49 -19.00
C HIS C 240 25.84 2.82 -19.96
N ALA C 241 26.78 3.56 -20.52
CA ALA C 241 27.84 2.96 -21.32
C ALA C 241 28.71 2.11 -20.42
N ALA C 242 29.01 2.63 -19.23
CA ALA C 242 29.75 1.84 -18.27
C ALA C 242 29.02 0.51 -18.02
N CYS C 243 27.70 0.55 -17.83
CA CYS C 243 26.93 -0.69 -17.60
C CYS C 243 26.99 -1.61 -18.81
N LEU C 244 26.78 -1.06 -20.02
CA LEU C 244 26.84 -1.83 -21.26
C LEU C 244 28.16 -2.60 -21.45
N CYS C 245 29.27 -2.05 -20.98
N CYS C 245 29.28 -2.07 -20.98
CA CYS C 245 30.59 -2.71 -21.07
CA CYS C 245 30.57 -2.80 -21.09
C CYS C 245 31.00 -3.48 -19.78
C CYS C 245 31.00 -3.49 -19.78
N SER C 246 30.08 -3.59 -18.83
CA SER C 246 30.34 -4.27 -17.52
C SER C 246 31.39 -3.60 -16.61
N ASP C 247 31.60 -2.30 -16.80
CA ASP C 247 32.44 -1.55 -15.88
C ASP C 247 31.59 -0.96 -14.73
N TYR C 248 31.27 -1.81 -13.77
CA TYR C 248 30.39 -1.45 -12.65
C TYR C 248 31.10 -0.63 -11.58
N LYS C 249 32.43 -0.69 -11.55
CA LYS C 249 33.21 0.25 -10.76
C LYS C 249 32.89 1.67 -11.19
N THR C 250 33.01 1.95 -12.49
CA THR C 250 32.76 3.31 -13.00
C THR C 250 31.31 3.67 -12.84
N ALA C 251 30.42 2.73 -13.16
CA ALA C 251 28.99 2.92 -13.04
C ALA C 251 28.57 3.35 -11.62
N LEU C 252 29.14 2.72 -10.60
CA LEU C 252 28.83 3.03 -9.20
C LEU C 252 29.34 4.43 -8.80
N LYS C 253 30.53 4.80 -9.27
CA LYS C 253 31.05 6.16 -9.04
C LYS C 253 30.15 7.20 -9.72
N LEU C 254 29.71 6.93 -10.96
CA LEU C 254 28.85 7.90 -11.63
C LEU C 254 27.50 7.92 -10.89
N ASN C 255 26.94 6.75 -10.62
CA ASN C 255 25.67 6.72 -9.92
C ASN C 255 25.70 7.63 -8.70
N ASP C 256 26.78 7.55 -7.93
CA ASP C 256 26.88 8.33 -6.70
C ASP C 256 26.82 9.84 -6.95
N LEU C 257 27.37 10.30 -8.07
CA LEU C 257 27.24 11.70 -8.47
C LEU C 257 25.78 12.08 -8.74
N LEU C 258 25.04 11.16 -9.35
CA LEU C 258 23.68 11.45 -9.84
C LEU C 258 22.53 11.20 -8.87
N MET C 259 22.74 10.31 -7.89
CA MET C 259 21.61 9.83 -7.13
C MET C 259 20.90 11.02 -6.48
N PRO C 260 21.65 11.87 -5.75
CA PRO C 260 20.91 12.97 -5.10
C PRO C 260 19.98 13.77 -6.06
N LEU C 261 20.46 14.04 -7.26
CA LEU C 261 19.62 14.72 -8.26
C LEU C 261 18.45 13.81 -8.58
N ASN C 262 18.74 12.53 -8.88
CA ASN C 262 17.69 11.56 -9.21
C ASN C 262 16.52 11.63 -8.25
N ARG C 263 16.84 11.67 -6.95
CA ARG C 263 15.84 11.80 -5.90
C ARG C 263 15.20 13.19 -5.91
N ALA C 264 16.03 14.24 -5.94
CA ALA C 264 15.54 15.63 -5.79
C ALA C 264 14.50 16.00 -6.83
N VAL C 265 14.64 15.48 -8.04
CA VAL C 265 13.75 15.91 -9.11
C VAL C 265 12.37 15.24 -9.03
N PHE C 266 12.18 14.39 -8.01
CA PHE C 266 10.87 13.79 -7.71
C PHE C 266 10.32 14.14 -6.33
N ILE C 267 10.97 15.07 -5.64
CA ILE C 267 10.43 15.58 -4.38
C ILE C 267 9.06 16.20 -4.59
N GLU C 268 8.90 17.05 -5.61
CA GLU C 268 7.60 17.56 -5.93
C GLU C 268 7.19 16.98 -7.29
N PRO C 269 5.93 17.17 -7.68
CA PRO C 269 5.43 16.36 -8.80
C PRO C 269 6.07 16.76 -10.13
N SER C 270 6.52 15.75 -10.87
CA SER C 270 7.34 15.95 -12.04
C SER C 270 6.48 16.41 -13.19
N PRO C 271 7.02 17.22 -14.09
CA PRO C 271 8.38 17.68 -14.27
C PRO C 271 8.70 19.08 -13.69
N ALA C 272 8.05 19.49 -12.60
CA ALA C 272 8.35 20.80 -12.00
C ALA C 272 9.83 20.86 -11.66
N GLY C 273 10.34 19.77 -11.11
CA GLY C 273 11.69 19.73 -10.59
C GLY C 273 12.75 19.60 -11.66
N ILE C 274 12.49 18.76 -12.66
CA ILE C 274 13.45 18.61 -13.74
C ILE C 274 13.41 19.87 -14.62
N LYS C 275 12.27 20.55 -14.71
CA LYS C 275 12.26 21.81 -15.47
C LYS C 275 13.02 22.94 -14.78
N TYR C 276 12.88 23.07 -13.45
CA TYR C 276 13.66 24.04 -12.69
C TYR C 276 15.17 23.82 -12.88
N ALA C 277 15.57 22.55 -12.83
CA ALA C 277 16.95 22.15 -13.06
C ALA C 277 17.43 22.55 -14.46
N ALA C 278 16.67 22.20 -15.49
CA ALA C 278 17.01 22.64 -16.84
C ALA C 278 17.15 24.17 -16.85
N ALA C 279 16.16 24.86 -16.30
CA ALA C 279 16.18 26.32 -16.18
C ALA C 279 17.44 26.83 -15.46
N LYS C 280 17.86 26.19 -14.39
CA LYS C 280 19.09 26.60 -13.73
C LYS C 280 20.29 26.47 -14.68
N LEU C 281 20.22 25.57 -15.65
CA LEU C 281 21.29 25.41 -16.64
C LEU C 281 21.06 26.27 -17.89
N GLY C 282 20.04 27.13 -17.86
CA GLY C 282 19.72 28.00 -19.01
C GLY C 282 19.11 27.32 -20.22
N LEU C 283 18.51 26.15 -20.01
CA LEU C 283 18.01 25.35 -21.10
C LEU C 283 16.57 25.65 -21.49
N CYS C 284 15.85 26.34 -20.62
CA CYS C 284 14.42 26.63 -20.81
C CYS C 284 13.94 27.43 -19.61
N GLY C 285 12.68 27.83 -19.67
CA GLY C 285 12.02 28.43 -18.53
C GLY C 285 11.39 27.39 -17.63
N THR C 286 10.89 27.85 -16.51
CA THR C 286 10.37 26.97 -15.48
C THR C 286 8.85 26.66 -15.60
N ILE C 287 8.17 27.27 -16.56
CA ILE C 287 6.72 27.18 -16.66
C ILE C 287 6.26 25.75 -16.93
N VAL C 288 5.21 25.35 -16.21
CA VAL C 288 4.54 24.05 -16.37
C VAL C 288 3.03 24.31 -16.50
N ARG C 289 2.28 23.28 -16.92
CA ARG C 289 0.79 23.39 -17.06
C ARG C 289 0.03 22.73 -15.91
N SER C 290 -0.92 23.48 -15.37
CA SER C 290 -1.69 23.01 -14.24
C SER C 290 -2.30 21.67 -14.63
N PRO C 291 -2.34 20.69 -13.69
CA PRO C 291 -2.09 20.81 -12.26
C PRO C 291 -0.65 20.66 -11.80
N ILE C 292 0.31 20.60 -12.72
CA ILE C 292 1.72 20.73 -12.35
C ILE C 292 1.96 22.21 -12.01
N VAL C 293 2.68 22.48 -10.92
CA VAL C 293 2.88 23.86 -10.46
C VAL C 293 4.33 24.16 -10.08
N PRO C 294 4.67 25.45 -9.90
CA PRO C 294 6.05 25.82 -9.47
C PRO C 294 6.49 25.21 -8.16
N LEU C 295 7.80 24.95 -8.07
CA LEU C 295 8.40 24.41 -6.86
C LEU C 295 8.39 25.44 -5.78
N SER C 296 8.36 24.97 -4.54
CA SER C 296 8.67 25.80 -3.39
C SER C 296 10.17 25.96 -3.28
N ASP C 297 10.59 26.99 -2.56
CA ASP C 297 11.98 27.40 -2.54
C ASP C 297 12.87 26.37 -1.80
N THR C 298 12.29 25.62 -0.88
CA THR C 298 13.00 24.49 -0.25
C THR C 298 13.41 23.44 -1.27
N THR C 299 12.46 22.98 -2.08
CA THR C 299 12.77 22.02 -3.11
C THR C 299 13.83 22.58 -4.05
N LYS C 300 13.68 23.82 -4.47
CA LYS C 300 14.69 24.49 -5.29
C LYS C 300 16.11 24.40 -4.70
N LYS C 301 16.24 24.68 -3.40
CA LYS C 301 17.56 24.62 -2.74
C LYS C 301 18.11 23.18 -2.81
N ILE C 302 17.26 22.20 -2.54
CA ILE C 302 17.67 20.78 -2.56
C ILE C 302 18.15 20.34 -3.95
N ILE C 303 17.47 20.79 -5.00
CA ILE C 303 17.91 20.52 -6.37
C ILE C 303 19.25 21.20 -6.64
N ASP C 304 19.43 22.41 -6.14
CA ASP C 304 20.69 23.11 -6.28
C ASP C 304 21.82 22.30 -5.64
N GLU C 305 21.63 21.86 -4.40
CA GLU C 305 22.65 21.04 -3.71
C GLU C 305 23.00 19.80 -4.57
N ALA C 306 21.99 19.17 -5.15
CA ALA C 306 22.16 17.95 -5.93
C ALA C 306 22.89 18.20 -7.24
N LEU C 307 22.58 19.32 -7.90
CA LEU C 307 23.27 19.74 -9.12
C LEU C 307 24.71 20.04 -8.83
N TYR C 308 24.97 20.68 -7.69
CA TYR C 308 26.34 20.94 -7.30
C TYR C 308 27.06 19.61 -7.07
N HIS C 309 26.44 18.69 -6.34
CA HIS C 309 27.04 17.38 -6.07
C HIS C 309 27.41 16.70 -7.38
N ALA C 310 26.56 16.82 -8.38
CA ALA C 310 26.79 16.16 -9.67
C ALA C 310 27.88 16.82 -10.52
N GLY C 311 28.36 17.99 -10.12
CA GLY C 311 29.37 18.74 -10.91
C GLY C 311 28.80 19.58 -12.04
N LEU C 312 27.51 19.88 -11.98
CA LEU C 312 26.81 20.59 -13.06
C LEU C 312 26.71 22.09 -12.79
N LEU C 313 27.17 22.50 -11.61
CA LEU C 313 27.32 23.90 -11.25
C LEU C 313 28.67 24.08 -10.59
N SER D 21 32.89 -5.63 9.22
CA SER D 21 34.23 -5.11 8.75
C SER D 21 34.89 -6.09 7.78
N MET D 22 35.00 -7.33 8.22
CA MET D 22 35.33 -8.45 7.34
C MET D 22 34.03 -9.15 6.90
N LEU D 23 32.89 -8.69 7.43
CA LEU D 23 31.58 -9.31 7.16
C LEU D 23 31.07 -8.96 5.76
N LYS D 24 31.24 -9.89 4.82
CA LYS D 24 30.93 -9.67 3.41
C LYS D 24 30.54 -11.01 2.80
N GLY D 25 29.92 -10.97 1.62
CA GLY D 25 29.59 -12.19 0.88
C GLY D 25 28.25 -12.83 1.19
N ALA D 26 28.16 -14.14 1.00
CA ALA D 26 26.92 -14.87 1.23
C ALA D 26 26.91 -15.35 2.67
N VAL D 27 25.91 -14.90 3.43
CA VAL D 27 25.74 -15.30 4.81
C VAL D 27 24.37 -15.92 4.91
N THR D 28 24.29 -17.17 5.33
CA THR D 28 23.03 -17.90 5.31
C THR D 28 22.20 -17.58 6.53
N ALA D 29 20.95 -17.18 6.27
CA ALA D 29 19.91 -17.11 7.28
C ALA D 29 19.44 -18.53 7.53
N LEU D 30 20.09 -19.19 8.50
CA LEU D 30 19.95 -20.64 8.73
C LEU D 30 18.54 -21.07 9.17
N ILE D 31 18.05 -22.12 8.54
CA ILE D 31 16.79 -22.73 8.92
C ILE D 31 17.10 -23.50 10.21
N THR D 32 16.10 -23.78 11.02
CA THR D 32 16.24 -24.60 12.22
C THR D 32 15.52 -25.94 11.95
N PRO D 33 16.30 -27.02 11.71
CA PRO D 33 15.65 -28.29 11.37
C PRO D 33 14.86 -28.82 12.56
N PHE D 34 13.61 -29.22 12.31
CA PHE D 34 12.79 -29.84 13.31
C PHE D 34 12.62 -31.33 12.96
N ASP D 35 12.41 -32.12 13.99
CA ASP D 35 12.08 -33.51 13.80
C ASP D 35 10.57 -33.65 13.61
N ASP D 36 10.07 -34.89 13.63
CA ASP D 36 8.66 -35.15 13.33
C ASP D 36 7.69 -34.57 14.35
N ASN D 37 8.13 -34.39 15.59
CA ASN D 37 7.28 -33.77 16.62
C ASN D 37 7.46 -32.26 16.73
N GLY D 38 8.25 -31.67 15.85
CA GLY D 38 8.56 -30.25 15.96
C GLY D 38 9.67 -29.89 16.96
N ALA D 39 10.37 -30.89 17.52
CA ALA D 39 11.46 -30.59 18.46
C ALA D 39 12.70 -30.25 17.63
N ILE D 40 13.63 -29.46 18.18
CA ILE D 40 14.87 -29.17 17.49
C ILE D 40 15.59 -30.50 17.07
N ASP D 41 15.97 -30.62 15.80
CA ASP D 41 16.84 -31.73 15.38
C ASP D 41 18.28 -31.23 15.47
N GLU D 42 18.92 -31.45 16.63
CA GLU D 42 20.22 -30.84 16.91
C GLU D 42 21.34 -31.47 16.09
N LYS D 43 21.24 -32.76 15.82
CA LYS D 43 22.19 -33.41 14.90
C LYS D 43 22.10 -32.80 13.48
N ALA D 44 20.88 -32.76 12.94
CA ALA D 44 20.66 -32.27 11.58
C ALA D 44 21.16 -30.84 11.45
N PHE D 45 20.94 -30.03 12.47
CA PHE D 45 21.40 -28.66 12.49
C PHE D 45 22.93 -28.58 12.44
N CYS D 46 23.62 -29.32 13.31
CA CYS D 46 25.08 -29.25 13.35
C CYS D 46 25.68 -29.75 12.04
N ASN D 47 25.08 -30.79 11.45
CA ASN D 47 25.53 -31.33 10.17
C ASN D 47 25.28 -30.33 9.06
N PHE D 48 24.17 -29.62 9.15
CA PHE D 48 23.81 -28.65 8.12
C PHE D 48 24.81 -27.47 8.13
N VAL D 49 25.12 -26.96 9.31
CA VAL D 49 26.10 -25.88 9.47
C VAL D 49 27.47 -26.33 8.95
N GLU D 50 27.88 -27.56 9.25
CA GLU D 50 29.17 -28.06 8.74
C GLU D 50 29.19 -28.08 7.21
N TRP D 51 28.10 -28.58 6.62
CA TRP D 51 27.94 -28.63 5.18
C TRP D 51 27.97 -27.24 4.62
N GLN D 52 27.21 -26.33 5.22
CA GLN D 52 27.26 -24.91 4.88
C GLN D 52 28.70 -24.41 4.81
N ILE D 53 29.51 -24.71 5.81
CA ILE D 53 30.87 -24.19 5.86
C ILE D 53 31.76 -24.83 4.80
N THR D 54 31.66 -26.15 4.62
CA THR D 54 32.48 -26.83 3.62
C THR D 54 32.06 -26.46 2.19
N GLN D 55 30.82 -25.98 2.02
CA GLN D 55 30.35 -25.56 0.70
C GLN D 55 30.84 -24.16 0.30
N GLY D 56 31.49 -23.49 1.25
CA GLY D 56 32.09 -22.18 1.00
C GLY D 56 31.30 -20.97 1.46
N ILE D 57 30.38 -21.14 2.40
CA ILE D 57 29.59 -20.00 2.87
C ILE D 57 30.52 -19.07 3.65
N ASN D 58 30.23 -17.77 3.60
CA ASN D 58 31.12 -16.76 4.20
C ASN D 58 30.68 -16.34 5.57
N GLY D 59 29.54 -16.85 6.02
CA GLY D 59 29.04 -16.52 7.36
C GLY D 59 27.71 -17.22 7.54
N VAL D 60 27.28 -17.38 8.78
CA VAL D 60 25.97 -17.94 9.01
C VAL D 60 25.24 -17.06 10.02
N SER D 61 23.91 -17.08 9.95
CA SER D 61 23.08 -16.36 10.89
C SER D 61 22.05 -17.31 11.51
N PRO D 62 22.32 -17.78 12.75
CA PRO D 62 21.37 -18.64 13.43
C PRO D 62 20.23 -17.85 14.07
N VAL D 63 19.12 -18.54 14.29
CA VAL D 63 17.96 -18.07 15.01
C VAL D 63 17.46 -16.68 14.61
N GLY D 64 17.37 -16.46 13.30
CA GLY D 64 16.65 -15.34 12.73
C GLY D 64 15.27 -15.80 12.28
N THR D 65 14.65 -15.01 11.42
CA THR D 65 13.29 -15.27 10.98
C THR D 65 13.19 -16.54 10.18
N THR D 66 14.19 -16.79 9.34
CA THR D 66 14.22 -17.98 8.52
C THR D 66 14.45 -19.19 9.41
N GLY D 67 15.09 -18.97 10.55
CA GLY D 67 15.27 -20.01 11.56
C GLY D 67 14.08 -20.16 12.50
N GLU D 68 12.97 -19.52 12.17
CA GLU D 68 11.75 -19.57 13.00
C GLU D 68 11.88 -19.02 14.43
N SER D 69 12.68 -17.98 14.58
CA SER D 69 12.78 -17.30 15.88
C SER D 69 11.42 -16.92 16.48
N PRO D 70 10.43 -16.59 15.66
CA PRO D 70 9.14 -16.32 16.31
C PRO D 70 8.58 -17.46 17.14
N THR D 71 8.83 -18.71 16.74
CA THR D 71 8.27 -19.86 17.41
C THR D 71 9.28 -20.62 18.29
N LEU D 72 10.51 -20.12 18.42
CA LEU D 72 11.53 -20.73 19.32
C LEU D 72 11.41 -20.19 20.72
N THR D 73 11.66 -21.01 21.76
CA THR D 73 11.71 -20.45 23.08
C THR D 73 13.08 -19.80 23.31
N HIS D 74 13.18 -19.06 24.42
CA HIS D 74 14.44 -18.44 24.86
C HIS D 74 15.51 -19.50 25.02
N GLU D 75 15.12 -20.64 25.55
CA GLU D 75 16.08 -21.72 25.82
C GLU D 75 16.57 -22.36 24.52
N GLU D 76 15.65 -22.54 23.57
CA GLU D 76 16.03 -23.03 22.24
C GLU D 76 16.95 -22.05 21.52
N HIS D 77 16.57 -20.77 21.50
CA HIS D 77 17.38 -19.70 20.91
C HIS D 77 18.81 -19.78 21.43
N LYS D 78 18.95 -19.83 22.75
CA LYS D 78 20.26 -19.91 23.38
C LYS D 78 21.02 -21.11 22.86
N ARG D 79 20.38 -22.27 22.99
CA ARG D 79 20.97 -23.53 22.62
C ARG D 79 21.40 -23.59 21.17
N ILE D 80 20.55 -23.17 20.26
CA ILE D 80 20.91 -23.26 18.85
C ILE D 80 22.15 -22.40 18.54
N ILE D 81 22.19 -21.18 19.11
CA ILE D 81 23.37 -20.32 19.00
C ILE D 81 24.64 -21.01 19.53
N GLU D 82 24.57 -21.54 20.74
CA GLU D 82 25.65 -22.35 21.29
C GLU D 82 26.16 -23.42 20.29
N LEU D 83 25.25 -24.26 19.80
CA LEU D 83 25.61 -25.34 18.87
C LEU D 83 26.21 -24.75 17.57
N CYS D 84 25.64 -23.66 17.06
CA CYS D 84 26.19 -23.01 15.86
C CYS D 84 27.63 -22.51 16.10
N VAL D 85 27.84 -21.87 17.24
CA VAL D 85 29.17 -21.37 17.62
C VAL D 85 30.18 -22.52 17.82
N GLU D 86 29.79 -23.58 18.54
CA GLU D 86 30.69 -24.72 18.75
C GLU D 86 31.02 -25.37 17.41
N GLN D 87 30.00 -25.64 16.59
CA GLN D 87 30.24 -26.26 15.29
C GLN D 87 31.13 -25.39 14.39
N VAL D 88 30.86 -24.10 14.38
CA VAL D 88 31.54 -23.20 13.44
C VAL D 88 33.03 -23.04 13.80
N ALA D 89 33.32 -22.97 15.10
CA ALA D 89 34.70 -22.85 15.59
C ALA D 89 35.46 -21.64 15.00
N LYS D 90 34.78 -20.50 14.87
CA LYS D 90 35.37 -19.26 14.30
C LYS D 90 35.89 -19.35 12.83
N ARG D 91 35.44 -20.35 12.07
CA ARG D 91 35.85 -20.47 10.66
C ARG D 91 35.23 -19.38 9.80
N VAL D 92 34.00 -18.98 10.15
CA VAL D 92 33.32 -17.87 9.54
C VAL D 92 32.51 -17.18 10.63
N PRO D 93 32.11 -15.93 10.39
CA PRO D 93 31.34 -15.21 11.39
C PRO D 93 29.95 -15.84 11.65
N VAL D 94 29.54 -15.82 12.91
CA VAL D 94 28.20 -16.19 13.27
C VAL D 94 27.49 -14.93 13.74
N VAL D 95 26.41 -14.58 13.04
CA VAL D 95 25.63 -13.37 13.33
C VAL D 95 24.26 -13.82 13.83
N ALA D 96 24.09 -13.87 15.15
CA ALA D 96 22.90 -14.52 15.70
C ALA D 96 21.70 -13.54 15.80
N GLY D 97 20.49 -14.08 15.63
CA GLY D 97 19.30 -13.26 15.76
C GLY D 97 19.11 -12.93 17.22
N ALA D 98 18.74 -11.68 17.49
CA ALA D 98 18.37 -11.24 18.82
C ALA D 98 17.21 -10.25 18.70
N GLY D 99 16.28 -10.53 17.79
CA GLY D 99 15.18 -9.62 17.50
C GLY D 99 13.97 -9.77 18.41
N SER D 100 13.39 -8.65 18.78
CA SER D 100 12.09 -8.68 19.42
C SER D 100 11.47 -7.32 19.27
N ASN D 101 10.16 -7.23 19.49
CA ASN D 101 9.50 -5.92 19.50
C ASN D 101 9.44 -5.32 20.90
N SER D 102 10.02 -6.03 21.85
CA SER D 102 10.26 -5.56 23.19
C SER D 102 11.74 -5.23 23.32
N THR D 103 12.06 -3.98 23.65
CA THR D 103 13.43 -3.56 23.85
C THR D 103 14.09 -4.39 24.94
N SER D 104 13.41 -4.61 26.07
CA SER D 104 14.04 -5.30 27.19
C SER D 104 14.28 -6.79 26.88
N GLU D 105 13.40 -7.39 26.08
CA GLU D 105 13.61 -8.76 25.61
C GLU D 105 14.73 -8.81 24.58
N ALA D 106 14.77 -7.84 23.68
CA ALA D 106 15.81 -7.83 22.65
C ALA D 106 17.18 -7.69 23.31
N VAL D 107 17.24 -6.84 24.33
CA VAL D 107 18.45 -6.65 25.11
C VAL D 107 18.92 -7.98 25.69
N GLU D 108 18.00 -8.72 26.29
CA GLU D 108 18.32 -9.99 26.96
C GLU D 108 18.76 -11.02 25.94
N LEU D 109 18.10 -11.03 24.78
CA LEU D 109 18.46 -12.00 23.76
C LEU D 109 19.88 -11.72 23.26
N ALA D 110 20.16 -10.46 22.92
CA ALA D 110 21.52 -10.06 22.54
C ALA D 110 22.56 -10.48 23.60
N LYS D 111 22.36 -10.12 24.86
CA LYS D 111 23.26 -10.61 25.92
C LYS D 111 23.49 -12.14 25.87
N HIS D 112 22.42 -12.92 25.69
CA HIS D 112 22.55 -14.38 25.57
C HIS D 112 23.40 -14.78 24.36
N ALA D 113 23.16 -14.10 23.23
CA ALA D 113 23.94 -14.39 22.01
C ALA D 113 25.42 -14.08 22.21
N GLU D 114 25.72 -12.92 22.77
CA GLU D 114 27.10 -12.60 23.09
C GLU D 114 27.74 -13.63 24.03
N LYS D 115 27.09 -13.94 25.15
CA LYS D 115 27.65 -14.90 26.12
C LYS D 115 27.88 -16.27 25.47
N ALA D 116 27.05 -16.64 24.52
CA ALA D 116 27.20 -17.91 23.81
C ALA D 116 28.29 -17.93 22.70
N GLY D 117 28.98 -16.82 22.46
CA GLY D 117 30.14 -16.80 21.52
C GLY D 117 29.83 -16.23 20.13
N ALA D 118 28.67 -15.58 20.00
CA ALA D 118 28.30 -14.96 18.73
C ALA D 118 29.27 -13.84 18.40
N ASP D 119 29.56 -13.71 17.11
CA ASP D 119 30.40 -12.63 16.61
C ASP D 119 29.64 -11.33 16.37
N ALA D 120 28.31 -11.40 16.20
CA ALA D 120 27.50 -10.20 16.03
C ALA D 120 26.05 -10.61 16.22
N VAL D 121 25.16 -9.63 16.42
CA VAL D 121 23.75 -9.92 16.50
C VAL D 121 23.03 -9.18 15.37
N LEU D 122 21.96 -9.84 14.89
CA LEU D 122 21.04 -9.30 13.89
C LEU D 122 19.74 -8.93 14.60
N VAL D 123 19.39 -7.64 14.55
CA VAL D 123 18.29 -7.07 15.34
C VAL D 123 17.27 -6.39 14.43
N VAL D 124 16.08 -6.99 14.37
CA VAL D 124 14.99 -6.48 13.53
C VAL D 124 14.40 -5.20 14.09
N THR D 125 13.89 -4.32 13.22
CA THR D 125 13.09 -3.21 13.67
C THR D 125 11.88 -3.78 14.39
N PRO D 126 11.56 -3.28 15.60
CA PRO D 126 10.33 -3.75 16.27
C PRO D 126 9.11 -3.80 15.37
N TYR D 127 8.40 -4.92 15.46
CA TYR D 127 7.23 -5.23 14.65
C TYR D 127 5.98 -5.15 15.54
N TYR D 128 4.86 -5.00 14.85
CA TYR D 128 3.52 -4.95 15.44
C TYR D 128 3.26 -3.64 16.19
N ASN D 129 4.14 -3.23 17.13
CA ASN D 129 3.84 -2.03 17.92
C ASN D 129 4.17 -0.70 17.25
N ARG D 130 4.75 -0.75 16.05
CA ARG D 130 4.85 0.43 15.17
C ARG D 130 5.42 1.67 15.85
N PRO D 131 6.62 1.55 16.44
CA PRO D 131 7.28 2.70 17.04
C PRO D 131 7.68 3.73 16.01
N ASN D 132 7.92 4.96 16.46
CA ASN D 132 8.48 6.03 15.60
C ASN D 132 10.01 6.01 15.63
N GLN D 133 10.64 6.93 14.91
CA GLN D 133 12.13 6.96 14.80
C GLN D 133 12.83 7.10 16.13
N ARG D 134 12.27 7.96 16.99
CA ARG D 134 12.72 8.08 18.35
CA ARG D 134 12.71 8.07 18.37
C ARG D 134 12.69 6.72 19.08
N GLY D 135 11.57 5.99 18.96
CA GLY D 135 11.42 4.66 19.53
C GLY D 135 12.50 3.69 19.02
N LEU D 136 12.73 3.74 17.70
CA LEU D 136 13.76 2.94 17.08
C LEU D 136 15.13 3.30 17.61
N TYR D 137 15.44 4.59 17.75
CA TYR D 137 16.71 4.99 18.32
C TYR D 137 16.91 4.40 19.72
N THR D 138 15.89 4.56 20.56
CA THR D 138 15.91 4.07 21.95
C THR D 138 16.07 2.56 22.01
N HIS D 139 15.35 1.87 21.15
CA HIS D 139 15.45 0.43 21.05
C HIS D 139 16.88 0.01 20.73
N PHE D 140 17.42 0.48 19.61
CA PHE D 140 18.76 0.03 19.17
C PHE D 140 19.92 0.52 20.07
N SER D 141 19.84 1.77 20.53
CA SER D 141 20.79 2.28 21.50
C SER D 141 20.80 1.50 22.84
N SER D 142 19.64 1.08 23.32
CA SER D 142 19.62 0.28 24.55
C SER D 142 20.33 -1.04 24.33
N ILE D 143 20.17 -1.61 23.14
CA ILE D 143 20.81 -2.88 22.84
C ILE D 143 22.35 -2.70 22.79
N ALA D 144 22.80 -1.73 22.00
CA ALA D 144 24.24 -1.44 21.80
C ALA D 144 24.97 -1.15 23.10
N LYS D 145 24.29 -0.48 24.02
CA LYS D 145 24.84 -0.15 25.33
C LYS D 145 24.97 -1.40 26.21
N ALA D 146 24.17 -2.43 25.92
CA ALA D 146 24.13 -3.66 26.73
C ALA D 146 25.14 -4.74 26.35
N ILE D 147 25.70 -4.66 25.14
CA ILE D 147 26.68 -5.65 24.65
C ILE D 147 27.93 -4.96 24.07
N SER D 148 28.99 -5.71 23.83
CA SER D 148 30.21 -5.17 23.18
C SER D 148 30.33 -5.54 21.71
N ILE D 149 29.70 -6.64 21.31
CA ILE D 149 29.84 -7.11 19.95
C ILE D 149 28.98 -6.23 18.99
N PRO D 150 29.26 -6.31 17.69
CA PRO D 150 28.55 -5.56 16.67
C PRO D 150 27.09 -5.95 16.47
N ILE D 151 26.30 -4.99 16.01
CA ILE D 151 24.89 -5.14 15.72
C ILE D 151 24.65 -4.78 14.25
N ILE D 152 23.88 -5.62 13.54
CA ILE D 152 23.42 -5.31 12.19
C ILE D 152 21.93 -5.05 12.27
N ILE D 153 21.52 -3.89 11.78
CA ILE D 153 20.10 -3.48 11.79
C ILE D 153 19.38 -4.23 10.68
N TYR D 154 18.21 -4.76 10.97
CA TYR D 154 17.48 -5.59 10.05
C TYR D 154 16.23 -4.81 9.76
N ASN D 155 16.29 -4.03 8.67
CA ASN D 155 15.19 -3.19 8.25
C ASN D 155 14.34 -4.01 7.30
N ILE D 156 13.07 -4.22 7.64
CA ILE D 156 12.15 -5.06 6.87
C ILE D 156 10.67 -4.58 7.03
N PRO D 157 10.31 -3.47 6.35
CA PRO D 157 8.98 -2.86 6.34
C PRO D 157 7.89 -3.83 5.95
N SER D 158 8.22 -4.80 5.12
CA SER D 158 7.22 -5.69 4.60
C SER D 158 6.71 -6.55 5.73
N ARG D 159 7.49 -6.69 6.80
CA ARG D 159 7.05 -7.47 7.97
C ARG D 159 6.78 -6.59 9.18
N SER D 160 7.64 -5.60 9.42
CA SER D 160 7.49 -4.71 10.57
C SER D 160 6.57 -3.50 10.36
N VAL D 161 6.20 -3.24 9.10
CA VAL D 161 5.40 -2.09 8.69
C VAL D 161 6.20 -0.78 8.71
N ILE D 162 6.73 -0.42 9.87
CA ILE D 162 7.59 0.74 9.99
C ILE D 162 8.89 0.54 9.21
N ASP D 163 9.60 1.63 9.02
CA ASP D 163 10.81 1.65 8.26
C ASP D 163 11.80 2.55 8.99
N MET D 164 12.97 2.01 9.33
CA MET D 164 14.00 2.87 9.87
C MET D 164 14.53 3.80 8.79
N ALA D 165 14.30 5.09 8.98
CA ALA D 165 14.77 6.12 8.07
C ALA D 165 16.29 6.11 8.00
N VAL D 166 16.84 6.54 6.88
CA VAL D 166 18.29 6.56 6.74
C VAL D 166 18.97 7.44 7.80
N GLU D 167 18.32 8.52 8.23
CA GLU D 167 18.86 9.47 9.22
C GLU D 167 18.94 8.83 10.58
N THR D 168 17.95 7.99 10.90
CA THR D 168 18.04 7.15 12.13
C THR D 168 19.20 6.16 12.06
N MET D 169 19.39 5.55 10.89
CA MET D 169 20.51 4.61 10.72
C MET D 169 21.84 5.29 10.97
N ARG D 170 22.04 6.39 10.24
CA ARG D 170 23.24 7.20 10.36
C ARG D 170 23.49 7.63 11.79
N ASP D 171 22.44 8.06 12.51
CA ASP D 171 22.58 8.54 13.90
C ASP D 171 22.99 7.44 14.83
N LEU D 172 22.41 6.26 14.63
CA LEU D 172 22.75 5.11 15.44
C LEU D 172 24.21 4.67 15.24
N CYS D 173 24.67 4.60 13.99
N CYS D 173 24.64 4.61 13.98
CA CYS D 173 26.04 4.15 13.74
CA CYS D 173 26.00 4.21 13.67
C CYS D 173 27.07 5.25 13.96
C CYS D 173 27.02 5.24 14.08
N ARG D 174 26.62 6.50 14.07
CA ARG D 174 27.46 7.58 14.59
C ARG D 174 27.66 7.49 16.11
N ASP D 175 26.57 7.30 16.85
CA ASP D 175 26.60 7.39 18.31
C ASP D 175 27.11 6.11 19.01
N PHE D 176 27.16 5.01 18.27
CA PHE D 176 27.59 3.74 18.82
C PHE D 176 28.48 3.00 17.86
N LYS D 177 29.71 2.76 18.32
CA LYS D 177 30.75 2.05 17.55
C LYS D 177 30.32 0.65 17.16
N ASN D 178 29.49 0.01 17.98
CA ASN D 178 29.11 -1.38 17.73
C ASN D 178 27.83 -1.55 16.92
N ILE D 179 27.19 -0.45 16.51
CA ILE D 179 26.17 -0.55 15.48
C ILE D 179 26.86 -0.29 14.16
N ILE D 180 26.99 -1.32 13.33
CA ILE D 180 27.91 -1.27 12.19
C ILE D 180 27.30 -1.42 10.80
N GLY D 181 25.98 -1.61 10.70
CA GLY D 181 25.44 -2.06 9.44
C GLY D 181 23.99 -2.45 9.39
N VAL D 182 23.59 -2.89 8.20
CA VAL D 182 22.22 -3.21 7.91
C VAL D 182 22.04 -4.48 7.05
N LYS D 183 21.01 -5.24 7.40
CA LYS D 183 20.45 -6.26 6.54
C LYS D 183 19.23 -5.60 5.94
N ASP D 184 19.39 -5.12 4.70
CA ASP D 184 18.36 -4.28 4.07
C ASP D 184 17.42 -5.16 3.27
N ALA D 185 16.28 -5.47 3.86
CA ALA D 185 15.26 -6.26 3.17
C ALA D 185 14.15 -5.42 2.61
N THR D 186 14.38 -4.14 2.33
CA THR D 186 13.30 -3.34 1.75
C THR D 186 13.03 -3.73 0.32
N GLY D 187 14.05 -4.29 -0.32
CA GLY D 187 13.92 -4.60 -1.74
C GLY D 187 13.77 -3.38 -2.62
N LYS D 188 14.03 -2.20 -2.06
CA LYS D 188 14.10 -0.94 -2.82
C LYS D 188 15.60 -0.51 -2.93
N ILE D 189 16.20 -0.83 -4.06
CA ILE D 189 17.64 -0.73 -4.32
C ILE D 189 18.19 0.71 -4.18
N GLU D 190 17.34 1.71 -4.40
CA GLU D 190 17.74 3.07 -4.13
C GLU D 190 18.20 3.28 -2.67
N ARG D 191 17.68 2.50 -1.72
CA ARG D 191 18.13 2.63 -0.33
C ARG D 191 19.62 2.29 -0.14
N ALA D 192 20.14 1.35 -0.89
CA ALA D 192 21.58 1.10 -0.88
C ALA D 192 22.39 2.36 -1.18
N SER D 193 21.97 3.12 -2.19
CA SER D 193 22.62 4.38 -2.52
C SER D 193 22.54 5.45 -1.41
N GLU D 194 21.37 5.65 -0.83
CA GLU D 194 21.18 6.69 0.16
C GLU D 194 21.92 6.34 1.47
N GLN D 195 21.86 5.07 1.81
CA GLN D 195 22.58 4.54 2.97
C GLN D 195 24.10 4.72 2.83
N ARG D 196 24.61 4.43 1.63
CA ARG D 196 26.05 4.58 1.32
C ARG D 196 26.45 6.04 1.48
N GLU D 197 25.65 6.92 0.90
CA GLU D 197 25.91 8.37 0.90
C GLU D 197 25.85 8.89 2.34
N LYS D 198 24.80 8.54 3.06
CA LYS D 198 24.56 9.21 4.31
C LYS D 198 25.18 8.49 5.52
N CYS D 199 25.38 7.17 5.43
CA CYS D 199 26.01 6.43 6.53
C CYS D 199 27.50 6.16 6.28
N GLY D 200 27.97 6.38 5.04
CA GLY D 200 29.38 6.17 4.66
C GLY D 200 29.64 4.84 3.96
N LYS D 201 30.75 4.77 3.23
CA LYS D 201 31.23 3.51 2.62
C LYS D 201 31.69 2.45 3.64
N ASP D 202 32.02 2.92 4.85
N ASP D 202 32.00 2.87 4.87
CA ASP D 202 32.34 2.09 6.01
CA ASP D 202 32.38 1.93 5.93
C ASP D 202 31.16 1.23 6.50
C ASP D 202 31.17 1.25 6.61
N PHE D 203 29.96 1.78 6.36
CA PHE D 203 28.74 1.15 6.89
C PHE D 203 28.45 -0.15 6.13
N VAL D 204 28.28 -1.26 6.85
CA VAL D 204 28.25 -2.54 6.19
C VAL D 204 26.85 -2.83 5.66
N GLN D 205 26.73 -2.92 4.34
CA GLN D 205 25.43 -3.15 3.73
C GLN D 205 25.31 -4.57 3.17
N LEU D 206 24.32 -5.29 3.64
CA LEU D 206 24.04 -6.64 3.19
C LEU D 206 22.58 -6.70 2.80
N SER D 207 22.27 -7.36 1.70
CA SER D 207 20.90 -7.44 1.26
C SER D 207 20.22 -8.42 2.19
N GLY D 208 18.94 -8.20 2.46
CA GLY D 208 18.11 -9.19 3.10
C GLY D 208 17.07 -9.76 2.15
N ASP D 209 17.33 -9.64 0.85
CA ASP D 209 16.35 -10.02 -0.18
C ASP D 209 17.07 -10.60 -1.41
N ASP D 210 17.07 -11.93 -1.51
CA ASP D 210 17.79 -12.60 -2.60
C ASP D 210 17.31 -12.12 -3.98
N CYS D 211 16.06 -11.75 -4.13
CA CYS D 211 15.51 -11.35 -5.45
C CYS D 211 16.04 -10.03 -6.00
N THR D 212 16.64 -9.20 -5.15
CA THR D 212 17.23 -7.93 -5.57
C THR D 212 18.65 -7.77 -5.11
N ALA D 213 19.25 -8.86 -4.62
CA ALA D 213 20.61 -8.83 -4.05
C ALA D 213 21.69 -8.41 -5.08
N LEU D 214 21.54 -8.87 -6.30
CA LEU D 214 22.50 -8.52 -7.34
C LEU D 214 22.59 -7.02 -7.52
N GLY D 215 21.44 -6.40 -7.74
CA GLY D 215 21.36 -4.97 -7.98
C GLY D 215 21.75 -4.19 -6.73
N PHE D 216 21.37 -4.72 -5.58
CA PHE D 216 21.76 -4.14 -4.30
C PHE D 216 23.27 -4.02 -4.23
N ASN D 217 23.97 -5.07 -4.60
CA ASN D 217 25.44 -5.04 -4.64
C ASN D 217 25.98 -3.97 -5.58
N ALA D 218 25.35 -3.85 -6.77
CA ALA D 218 25.75 -2.85 -7.77
C ALA D 218 25.70 -1.45 -7.17
N HIS D 219 24.66 -1.17 -6.39
CA HIS D 219 24.50 0.14 -5.75
C HIS D 219 25.41 0.34 -4.54
N GLY D 220 26.13 -0.69 -4.13
CA GLY D 220 27.02 -0.55 -2.96
C GLY D 220 27.00 -1.64 -1.92
N GLY D 221 26.12 -2.63 -2.05
CA GLY D 221 26.08 -3.72 -1.08
C GLY D 221 27.37 -4.48 -1.13
N VAL D 222 27.73 -5.15 -0.03
CA VAL D 222 28.88 -6.02 -0.01
C VAL D 222 28.53 -7.51 0.22
N GLY D 223 27.32 -7.93 -0.17
CA GLY D 223 26.87 -9.30 0.14
C GLY D 223 25.40 -9.38 0.52
N CYS D 224 25.01 -10.51 1.13
CA CYS D 224 23.59 -10.82 1.37
C CYS D 224 23.41 -11.83 2.48
N ILE D 225 22.56 -11.50 3.44
CA ILE D 225 22.08 -12.48 4.40
C ILE D 225 20.86 -13.17 3.73
N SER D 226 21.14 -14.35 3.19
CA SER D 226 20.32 -15.04 2.19
C SER D 226 19.45 -16.18 2.74
N VAL D 227 18.31 -16.40 2.10
CA VAL D 227 17.47 -17.55 2.36
C VAL D 227 17.83 -18.69 1.42
N SER D 228 18.01 -18.38 0.13
CA SER D 228 18.35 -19.36 -0.89
C SER D 228 19.68 -20.07 -0.66
N SER D 229 20.58 -19.45 0.09
CA SER D 229 21.90 -20.03 0.35
C SER D 229 21.81 -21.16 1.39
N ASN D 230 20.64 -21.33 2.00
CA ASN D 230 20.35 -22.55 2.77
C ASN D 230 20.52 -23.81 1.94
N VAL D 231 20.12 -23.71 0.64
CA VAL D 231 20.18 -24.86 -0.27
C VAL D 231 21.17 -24.71 -1.44
N ALA D 232 21.68 -23.51 -1.67
CA ALA D 232 22.66 -23.27 -2.72
C ALA D 232 23.80 -22.42 -2.17
N PRO D 233 24.45 -22.89 -1.11
CA PRO D 233 25.43 -22.00 -0.50
C PRO D 233 26.65 -21.75 -1.38
N LYS D 234 27.01 -22.72 -2.22
CA LYS D 234 28.13 -22.57 -3.17
C LYS D 234 27.78 -21.56 -4.27
N LEU D 235 26.63 -21.71 -4.92
CA LEU D 235 26.26 -20.76 -5.98
C LEU D 235 26.12 -19.32 -5.46
N CYS D 236 25.52 -19.18 -4.29
CA CYS D 236 25.30 -17.87 -3.69
C CYS D 236 26.64 -17.27 -3.30
N ALA D 237 27.51 -18.07 -2.69
CA ALA D 237 28.86 -17.63 -2.33
C ALA D 237 29.59 -17.17 -3.58
N GLN D 238 29.45 -17.94 -4.66
CA GLN D 238 30.05 -17.57 -5.94
C GLN D 238 29.44 -16.28 -6.57
N LEU D 239 28.12 -16.14 -6.52
CA LEU D 239 27.45 -14.94 -7.05
C LEU D 239 27.98 -13.70 -6.36
N HIS D 240 27.99 -13.72 -5.04
CA HIS D 240 28.48 -12.57 -4.30
C HIS D 240 29.97 -12.33 -4.45
N ALA D 241 30.79 -13.38 -4.53
CA ALA D 241 32.22 -13.19 -4.84
C ALA D 241 32.34 -12.50 -6.18
N ALA D 242 31.59 -12.96 -7.17
CA ALA D 242 31.57 -12.30 -8.48
C ALA D 242 31.32 -10.80 -8.32
N CYS D 243 30.33 -10.45 -7.50
CA CYS D 243 30.03 -9.03 -7.27
C CYS D 243 31.19 -8.37 -6.54
N LEU D 244 31.76 -9.07 -5.55
CA LEU D 244 32.85 -8.51 -4.76
C LEU D 244 34.10 -8.25 -5.60
N CYS D 245 34.32 -9.10 -6.59
N CYS D 245 34.36 -9.08 -6.60
CA CYS D 245 35.42 -8.94 -7.54
CA CYS D 245 35.47 -8.80 -7.51
C CYS D 245 35.00 -8.05 -8.72
C CYS D 245 34.96 -8.10 -8.76
N SER D 246 33.78 -7.50 -8.66
CA SER D 246 33.22 -6.70 -9.75
C SER D 246 33.18 -7.43 -11.11
N ASP D 247 32.86 -8.73 -11.08
CA ASP D 247 32.61 -9.49 -12.33
C ASP D 247 31.12 -9.67 -12.48
N TYR D 248 30.47 -8.71 -13.13
CA TYR D 248 29.01 -8.65 -13.16
C TYR D 248 28.41 -9.50 -14.28
N LYS D 249 29.19 -9.83 -15.33
CA LYS D 249 28.74 -10.80 -16.33
C LYS D 249 28.58 -12.15 -15.64
N THR D 250 29.57 -12.59 -14.88
CA THR D 250 29.42 -13.84 -14.11
C THR D 250 28.26 -13.77 -13.09
N ALA D 251 28.14 -12.65 -12.38
CA ALA D 251 27.10 -12.47 -11.38
C ALA D 251 25.70 -12.65 -11.99
N LEU D 252 25.48 -12.06 -13.17
CA LEU D 252 24.20 -12.13 -13.83
C LEU D 252 23.87 -13.55 -14.27
N LYS D 253 24.85 -14.26 -14.83
CA LYS D 253 24.68 -15.67 -15.19
C LYS D 253 24.27 -16.46 -13.94
N LEU D 254 24.98 -16.29 -12.84
CA LEU D 254 24.62 -16.99 -11.60
C LEU D 254 23.26 -16.52 -11.06
N ASN D 255 22.92 -15.24 -11.26
CA ASN D 255 21.62 -14.75 -10.84
C ASN D 255 20.53 -15.44 -11.61
N ASP D 256 20.70 -15.59 -12.91
CA ASP D 256 19.68 -16.28 -13.71
C ASP D 256 19.45 -17.74 -13.31
N LEU D 257 20.48 -18.39 -12.79
CA LEU D 257 20.28 -19.74 -12.29
C LEU D 257 19.41 -19.74 -11.03
N LEU D 258 19.58 -18.73 -10.17
CA LEU D 258 19.02 -18.75 -8.83
C LEU D 258 17.65 -18.06 -8.74
N MET D 259 17.34 -17.18 -9.70
CA MET D 259 16.19 -16.30 -9.52
C MET D 259 14.85 -17.01 -9.37
N PRO D 260 14.57 -18.00 -10.22
CA PRO D 260 13.32 -18.71 -10.04
C PRO D 260 13.23 -19.30 -8.64
N LEU D 261 14.31 -19.84 -8.11
CA LEU D 261 14.27 -20.40 -6.75
C LEU D 261 14.01 -19.29 -5.75
N ASN D 262 14.78 -18.20 -5.86
CA ASN D 262 14.60 -17.04 -4.99
C ASN D 262 13.15 -16.63 -4.86
N ARG D 263 12.42 -16.60 -5.96
CA ARG D 263 11.00 -16.28 -5.93
C ARG D 263 10.18 -17.39 -5.32
N ALA D 264 10.52 -18.63 -5.67
CA ALA D 264 9.64 -19.76 -5.38
C ALA D 264 9.58 -20.05 -3.89
N VAL D 265 10.68 -19.79 -3.21
CA VAL D 265 10.72 -20.02 -1.77
C VAL D 265 9.96 -18.92 -1.01
N PHE D 266 9.36 -17.95 -1.70
CA PHE D 266 8.51 -16.92 -1.03
C PHE D 266 7.07 -16.91 -1.50
N ILE D 267 6.61 -17.95 -2.21
CA ILE D 267 5.22 -17.94 -2.69
C ILE D 267 4.32 -18.18 -1.49
N GLU D 268 4.72 -19.16 -0.66
CA GLU D 268 4.09 -19.37 0.60
C GLU D 268 4.94 -18.81 1.73
N PRO D 269 4.34 -18.71 2.93
CA PRO D 269 5.03 -18.06 4.02
C PRO D 269 6.31 -18.79 4.44
N SER D 270 7.42 -18.08 4.41
CA SER D 270 8.74 -18.61 4.76
C SER D 270 8.81 -19.02 6.25
N PRO D 271 9.53 -20.08 6.59
CA PRO D 271 10.43 -20.89 5.75
C PRO D 271 9.91 -22.25 5.27
N ALA D 272 8.58 -22.41 5.13
CA ALA D 272 8.04 -23.62 4.52
C ALA D 272 8.72 -23.90 3.18
N GLY D 273 8.81 -22.91 2.31
CA GLY D 273 9.43 -23.14 1.01
C GLY D 273 10.88 -23.59 1.08
N ILE D 274 11.69 -22.84 1.84
CA ILE D 274 13.10 -23.13 1.93
C ILE D 274 13.35 -24.48 2.59
N LYS D 275 12.55 -24.84 3.60
CA LYS D 275 12.69 -26.15 4.26
C LYS D 275 12.32 -27.32 3.35
N TYR D 276 11.34 -27.09 2.48
CA TYR D 276 10.93 -28.09 1.51
C TYR D 276 12.09 -28.31 0.53
N ALA D 277 12.68 -27.21 0.09
CA ALA D 277 13.84 -27.28 -0.80
C ALA D 277 14.97 -28.06 -0.13
N ALA D 278 15.21 -27.75 1.14
CA ALA D 278 16.26 -28.40 1.91
C ALA D 278 16.00 -29.90 2.00
N ALA D 279 14.72 -30.24 2.21
CA ALA D 279 14.24 -31.62 2.19
C ALA D 279 14.63 -32.31 0.89
N LYS D 280 14.27 -31.71 -0.23
CA LYS D 280 14.52 -32.35 -1.49
C LYS D 280 16.02 -32.64 -1.66
N LEU D 281 16.89 -31.87 -0.99
CA LEU D 281 18.33 -32.13 -1.02
C LEU D 281 18.84 -33.00 0.14
N GLY D 282 17.92 -33.51 0.96
CA GLY D 282 18.30 -34.38 2.08
C GLY D 282 18.97 -33.66 3.24
N LEU D 283 18.81 -32.35 3.34
CA LEU D 283 19.49 -31.58 4.38
C LEU D 283 18.73 -31.61 5.69
N CYS D 284 17.40 -31.69 5.59
CA CYS D 284 16.52 -31.76 6.76
C CYS D 284 15.14 -32.29 6.38
N GLY D 285 14.23 -32.34 7.36
CA GLY D 285 12.81 -32.59 7.10
C GLY D 285 12.02 -31.31 6.85
N THR D 286 10.72 -31.45 6.60
CA THR D 286 9.90 -30.34 6.16
C THR D 286 9.05 -29.66 7.25
N ILE D 287 9.15 -30.16 8.48
CA ILE D 287 8.29 -29.68 9.54
C ILE D 287 8.63 -28.25 9.94
N VAL D 288 7.56 -27.46 10.11
CA VAL D 288 7.62 -26.08 10.56
C VAL D 288 6.63 -25.92 11.73
N ARG D 289 6.79 -24.85 12.51
CA ARG D 289 5.89 -24.53 13.63
C ARG D 289 4.78 -23.53 13.27
N SER D 290 3.54 -23.87 13.63
CA SER D 290 2.41 -22.97 13.41
C SER D 290 2.64 -21.60 14.02
N PRO D 291 2.24 -20.54 13.30
CA PRO D 291 1.39 -20.55 12.13
C PRO D 291 2.07 -20.77 10.80
N ILE D 292 3.33 -21.17 10.79
CA ILE D 292 3.91 -21.60 9.52
C ILE D 292 3.39 -23.03 9.27
N VAL D 293 2.97 -23.33 8.04
CA VAL D 293 2.32 -24.64 7.73
C VAL D 293 2.91 -25.24 6.45
N PRO D 294 2.61 -26.54 6.13
CA PRO D 294 3.16 -27.20 4.96
C PRO D 294 2.80 -26.54 3.63
N LEU D 295 3.63 -26.73 2.60
CA LEU D 295 3.29 -26.20 1.27
C LEU D 295 2.11 -26.91 0.65
N SER D 296 1.40 -26.21 -0.23
CA SER D 296 0.50 -26.87 -1.17
C SER D 296 1.33 -27.59 -2.22
N ASP D 297 0.71 -28.57 -2.86
CA ASP D 297 1.38 -29.35 -3.90
C ASP D 297 1.85 -28.48 -5.05
N THR D 298 1.08 -27.45 -5.40
CA THR D 298 1.44 -26.54 -6.48
C THR D 298 2.74 -25.79 -6.20
N THR D 299 2.97 -25.43 -4.94
CA THR D 299 4.19 -24.73 -4.60
C THR D 299 5.38 -25.69 -4.62
N LYS D 300 5.20 -26.90 -4.09
CA LYS D 300 6.24 -27.94 -4.22
C LYS D 300 6.71 -28.08 -5.69
N LYS D 301 5.78 -28.12 -6.65
CA LYS D 301 6.14 -28.30 -8.08
C LYS D 301 6.93 -27.12 -8.63
N ILE D 302 6.56 -25.91 -8.26
CA ILE D 302 7.29 -24.72 -8.72
C ILE D 302 8.71 -24.73 -8.13
N ILE D 303 8.84 -25.16 -6.88
CA ILE D 303 10.13 -25.22 -6.21
C ILE D 303 10.99 -26.34 -6.80
N ASP D 304 10.37 -27.47 -7.10
CA ASP D 304 11.05 -28.56 -7.80
C ASP D 304 11.64 -28.01 -9.10
N GLU D 305 10.80 -27.43 -9.97
CA GLU D 305 11.31 -26.97 -11.28
C GLU D 305 12.41 -25.92 -11.11
N ALA D 306 12.24 -25.02 -10.14
CA ALA D 306 13.26 -24.01 -9.84
C ALA D 306 14.60 -24.61 -9.42
N LEU D 307 14.54 -25.70 -8.65
CA LEU D 307 15.75 -26.37 -8.22
C LEU D 307 16.47 -27.07 -9.38
N TYR D 308 15.72 -27.55 -10.38
CA TYR D 308 16.36 -28.12 -11.59
C TYR D 308 16.97 -27.04 -12.43
N HIS D 309 16.29 -25.91 -12.55
CA HIS D 309 16.82 -24.75 -13.28
C HIS D 309 18.15 -24.33 -12.70
N ALA D 310 18.24 -24.26 -11.38
CA ALA D 310 19.51 -23.95 -10.69
C ALA D 310 20.58 -25.06 -10.80
N GLY D 311 20.20 -26.24 -11.28
CA GLY D 311 21.13 -27.36 -11.37
C GLY D 311 21.41 -28.02 -10.04
N LEU D 312 20.63 -27.68 -9.03
CA LEU D 312 20.77 -28.28 -7.70
C LEU D 312 20.22 -29.71 -7.67
N LEU D 313 19.25 -30.00 -8.53
CA LEU D 313 18.83 -31.36 -8.82
C LEU D 313 19.25 -31.67 -10.25
N LYS D 314 19.74 -32.89 -10.46
CA LYS D 314 20.37 -33.33 -11.72
C LYS D 314 19.85 -34.70 -12.16
#